data_7PPE
#
_entry.id   7PPE
#
_cell.length_a   60.823
_cell.length_b   106.771
_cell.length_c   82.625
_cell.angle_alpha   90.000
_cell.angle_beta   96.350
_cell.angle_gamma   90.000
#
_symmetry.space_group_name_H-M   'P 1 21 1'
#
loop_
_entity.id
_entity.type
_entity.pdbx_description
1 polymer 'Nicotinamide phosphoribosyltransferase'
2 non-polymer 'PHOSPHATE ION'
3 non-polymer N-[4-[(4R)-4-methyl-1-(oxan-4-yl)-6-oxidanylidene-4,5-dihydropyridazin-3-yl]phenyl]-1,3-dihydropyrrolo[3,4-c]pyridine-2-carboxamide
4 non-polymer GLYCEROL
5 water water
#
_entity_poly.entity_id   1
_entity_poly.type   'polypeptide(L)'
_entity_poly.pdbx_seq_one_letter_code
;GMNPAAEAEFNILLATDSYKVTHYKQYPPNTSKVYSYFECREKKTENSKLRKVKYEETVFYGLQYILNKYLKGKVVTKEK
IQEAKDVYKEHFQDDVFNEKGWNYILEKYDGHLPIEIKAVPEGFVIPRGNVLFTVENTDPECYWLTNWIETILVQSWYPI
TVATNSREQKKILAKYLLETSGNLDGLEYKLHDFGYRGVSSQETAGIGASAHLVNFKGTDTVAGLALIKKYYGTKDPVPG
YSVPAAEHSTITAWGKDHEKDAFEHIVTQFSSVPVSVVSDSYDIYNACEKIWGEDLRHLIVSRSTQAPLIIRPDSGNPLD
TVLKVLEILGKKFPVTENSKGYKLLPPYLRVIQGDGVDINTLQEIVEGMKQKMWSIENIAFGSGGGLLQKLTRDLLNCSF
KCSYVVTNGLGINVFKDPVADPNKRSKKGRLSLHRTPAGNFVTLEEGKGDLEEYGQDLLHTVFKNGKVTKSYSFDEIRKN
AQLNIELEAAHH
;
_entity_poly.pdbx_strand_id   A,B
#
loop_
_chem_comp.id
_chem_comp.type
_chem_comp.name
_chem_comp.formula
7YK non-polymer N-[4-[(4R)-4-methyl-1-(oxan-4-yl)-6-oxidanylidene-4,5-dihydropyridazin-3-yl]phenyl]-1,3-dihydropyrrolo[3,4-c]pyridine-2-carboxamide 'C24 H27 N5 O3'
GOL non-polymer GLYCEROL 'C3 H8 O3'
PO4 non-polymer 'PHOSPHATE ION' 'O4 P -3'
#
# COMPACT_ATOMS: atom_id res chain seq x y z
N PHE A 10 -15.35 -11.04 -7.26
CA PHE A 10 -14.87 -11.05 -5.84
C PHE A 10 -15.57 -12.23 -5.14
N ASN A 11 -14.78 -13.01 -4.40
CA ASN A 11 -15.30 -14.23 -3.72
C ASN A 11 -14.84 -14.16 -2.28
N ILE A 12 -15.76 -13.88 -1.37
CA ILE A 12 -15.40 -13.77 0.07
C ILE A 12 -14.79 -15.06 0.64
N LEU A 13 -15.06 -16.24 0.05
CA LEU A 13 -14.47 -17.52 0.48
C LEU A 13 -12.98 -17.55 0.14
N LEU A 14 -12.52 -16.69 -0.77
CA LEU A 14 -11.08 -16.64 -1.19
C LEU A 14 -10.42 -15.35 -0.66
N ALA A 15 -11.09 -14.64 0.26
CA ALA A 15 -10.61 -13.30 0.71
C ALA A 15 -10.23 -13.39 2.21
N THR A 16 -9.60 -14.46 2.62
CA THR A 16 -9.06 -14.60 4.00
C THR A 16 -7.64 -15.12 3.93
N ASP A 17 -6.92 -15.02 5.04
CA ASP A 17 -5.64 -15.72 5.19
C ASP A 17 -5.88 -17.23 5.07
N SER A 18 -5.01 -17.94 4.33
CA SER A 18 -5.22 -19.40 4.12
C SER A 18 -5.48 -20.08 5.46
N TYR A 19 -4.67 -19.82 6.51
CA TYR A 19 -4.79 -20.59 7.77
C TYR A 19 -6.20 -20.48 8.39
N LYS A 20 -6.92 -19.39 8.15
CA LYS A 20 -8.31 -19.26 8.67
C LYS A 20 -9.25 -20.29 8.05
N VAL A 21 -8.92 -20.81 6.89
CA VAL A 21 -9.71 -21.91 6.26
C VAL A 21 -9.75 -23.12 7.21
N THR A 22 -8.73 -23.31 8.04
CA THR A 22 -8.58 -24.48 8.94
C THR A 22 -9.03 -24.19 10.37
N HIS A 23 -9.48 -22.97 10.69
CA HIS A 23 -9.76 -22.62 12.11
C HIS A 23 -11.04 -23.29 12.65
N TYR A 24 -11.99 -23.64 11.80
CA TYR A 24 -13.26 -24.26 12.26
C TYR A 24 -12.96 -25.62 12.90
N LYS A 25 -11.79 -26.23 12.64
CA LYS A 25 -11.40 -27.51 13.28
C LYS A 25 -10.61 -27.26 14.58
N GLN A 26 -10.43 -25.99 15.01
CA GLN A 26 -9.43 -25.66 16.07
C GLN A 26 -10.09 -25.05 17.32
N TYR A 27 -11.25 -24.44 17.15
CA TYR A 27 -11.95 -23.81 18.29
C TYR A 27 -12.42 -24.91 19.23
N PRO A 28 -12.66 -24.60 20.50
CA PRO A 28 -13.16 -25.60 21.43
C PRO A 28 -14.48 -26.15 20.90
N PRO A 29 -14.68 -27.47 21.00
CA PRO A 29 -16.00 -28.05 20.74
C PRO A 29 -17.10 -27.36 21.56
N ASN A 30 -18.31 -27.27 20.97
CA ASN A 30 -19.53 -26.76 21.64
C ASN A 30 -19.41 -25.26 21.84
N THR A 31 -18.72 -24.58 20.91
CA THR A 31 -18.59 -23.10 20.90
C THR A 31 -19.69 -22.52 20.01
N SER A 32 -20.55 -21.65 20.56
CA SER A 32 -21.76 -21.08 19.87
C SER A 32 -21.49 -19.62 19.44
N LYS A 33 -20.48 -18.99 20.04
CA LYS A 33 -20.19 -17.56 19.88
C LYS A 33 -18.69 -17.33 19.88
N VAL A 34 -18.25 -16.53 18.91
CA VAL A 34 -16.93 -15.89 18.90
C VAL A 34 -17.19 -14.40 18.69
N TYR A 35 -16.73 -13.64 19.65
CA TYR A 35 -16.85 -12.16 19.70
C TYR A 35 -15.46 -11.59 19.65
N SER A 36 -15.22 -10.71 18.69
CA SER A 36 -13.88 -10.14 18.49
C SER A 36 -13.99 -8.61 18.37
N TYR A 37 -12.88 -7.91 18.51
CA TYR A 37 -12.88 -6.42 18.54
C TYR A 37 -11.65 -5.89 17.83
N PHE A 38 -11.74 -4.64 17.39
CA PHE A 38 -10.62 -3.94 16.72
C PHE A 38 -10.24 -2.74 17.58
N GLU A 39 -8.98 -2.55 17.78
CA GLU A 39 -8.44 -1.33 18.43
C GLU A 39 -7.17 -0.89 17.75
N CYS A 40 -6.76 0.34 18.03
CA CYS A 40 -5.41 0.88 17.71
C CYS A 40 -4.63 0.83 19.00
N ARG A 41 -3.99 -0.32 19.26
CA ARG A 41 -3.44 -0.60 20.60
C ARG A 41 -2.55 0.55 21.06
N GLU A 42 -2.59 0.81 22.35
CA GLU A 42 -1.73 1.84 22.98
C GLU A 42 -0.35 1.22 23.11
N LYS A 43 0.72 2.00 23.00
CA LYS A 43 2.04 1.65 23.64
C LYS A 43 1.92 1.75 25.17
N VAL A 53 6.37 12.09 17.01
CA VAL A 53 4.90 12.04 16.73
C VAL A 53 4.33 10.83 17.51
N LYS A 54 3.41 11.06 18.45
CA LYS A 54 2.91 10.03 19.38
C LYS A 54 1.66 9.34 18.80
N TYR A 55 0.93 10.00 17.92
CA TYR A 55 -0.40 9.57 17.40
C TYR A 55 -1.29 9.06 18.55
N GLU A 56 -1.66 9.97 19.43
CA GLU A 56 -2.45 9.66 20.65
C GLU A 56 -3.92 9.37 20.30
N GLU A 57 -4.39 9.87 19.16
CA GLU A 57 -5.84 9.74 18.83
C GLU A 57 -5.98 9.41 17.36
N THR A 58 -7.01 8.61 17.02
CA THR A 58 -7.16 8.10 15.65
C THR A 58 -8.52 8.54 15.12
N VAL A 59 -8.57 8.81 13.83
CA VAL A 59 -9.81 9.04 13.06
C VAL A 59 -10.32 7.68 12.63
N PHE A 60 -11.51 7.31 13.08
CA PHE A 60 -12.14 6.06 12.61
C PHE A 60 -12.79 6.30 11.26
N TYR A 61 -12.27 5.72 10.19
CA TYR A 61 -12.82 5.96 8.84
C TYR A 61 -12.56 4.72 7.99
N GLY A 62 -13.52 4.31 7.18
CA GLY A 62 -13.30 3.38 6.05
C GLY A 62 -14.07 2.07 6.17
N LEU A 63 -14.68 1.79 7.31
CA LEU A 63 -15.40 0.52 7.49
C LEU A 63 -16.59 0.46 6.49
N GLN A 64 -17.29 1.58 6.34
CA GLN A 64 -18.54 1.62 5.54
C GLN A 64 -18.20 1.19 4.10
N TYR A 65 -17.05 1.60 3.57
CA TYR A 65 -16.59 1.13 2.24
C TYR A 65 -16.57 -0.41 2.20
N ILE A 66 -15.88 -1.02 3.19
CA ILE A 66 -15.68 -2.50 3.21
C ILE A 66 -17.06 -3.15 3.35
N LEU A 67 -17.92 -2.63 4.23
CA LEU A 67 -19.24 -3.27 4.48
C LEU A 67 -20.04 -3.33 3.16
N ASN A 68 -20.04 -2.24 2.41
CA ASN A 68 -20.84 -2.15 1.17
C ASN A 68 -20.16 -2.91 0.04
N LYS A 69 -18.84 -2.76 -0.14
CA LYS A 69 -18.21 -3.35 -1.34
C LYS A 69 -18.13 -4.86 -1.19
N TYR A 70 -17.86 -5.36 0.01
CA TYR A 70 -17.43 -6.77 0.19
C TYR A 70 -18.35 -7.61 1.08
N LEU A 71 -19.04 -7.05 2.07
CA LEU A 71 -19.68 -7.92 3.11
C LEU A 71 -21.20 -7.98 2.92
N LYS A 72 -21.85 -7.03 2.29
CA LYS A 72 -23.33 -7.01 2.36
C LYS A 72 -23.93 -7.85 1.24
N GLY A 73 -25.19 -8.24 1.44
CA GLY A 73 -26.03 -8.92 0.44
C GLY A 73 -25.64 -10.37 0.28
N LYS A 74 -25.98 -10.95 -0.86
CA LYS A 74 -25.73 -12.38 -1.15
C LYS A 74 -24.25 -12.55 -1.55
N VAL A 75 -23.39 -12.92 -0.61
CA VAL A 75 -21.93 -13.02 -0.88
C VAL A 75 -21.54 -14.49 -1.03
N VAL A 76 -22.45 -15.42 -0.81
CA VAL A 76 -22.18 -16.87 -1.00
C VAL A 76 -23.09 -17.40 -2.09
N THR A 77 -22.52 -18.13 -3.05
CA THR A 77 -23.26 -18.89 -4.09
C THR A 77 -22.68 -20.30 -4.19
N LYS A 78 -23.46 -21.19 -4.77
CA LYS A 78 -23.01 -22.55 -5.10
C LYS A 78 -21.65 -22.44 -5.80
N GLU A 79 -21.55 -21.59 -6.84
CA GLU A 79 -20.37 -21.49 -7.72
C GLU A 79 -19.18 -21.00 -6.90
N LYS A 80 -19.40 -20.07 -5.97
CA LYS A 80 -18.28 -19.55 -5.13
C LYS A 80 -17.79 -20.64 -4.18
N ILE A 81 -18.69 -21.46 -3.68
CA ILE A 81 -18.30 -22.58 -2.77
C ILE A 81 -17.45 -23.60 -3.53
N GLN A 82 -17.87 -23.96 -4.76
CA GLN A 82 -17.17 -25.00 -5.57
C GLN A 82 -15.80 -24.46 -6.00
N GLU A 83 -15.73 -23.18 -6.40
N GLU A 83 -15.73 -23.19 -6.43
CA GLU A 83 -14.45 -22.55 -6.79
CA GLU A 83 -14.46 -22.50 -6.79
C GLU A 83 -13.50 -22.70 -5.58
C GLU A 83 -13.51 -22.68 -5.59
N ALA A 84 -13.94 -22.21 -4.39
CA ALA A 84 -13.08 -22.18 -3.17
C ALA A 84 -12.63 -23.60 -2.87
N LYS A 85 -13.55 -24.58 -2.93
CA LYS A 85 -13.20 -25.98 -2.66
C LYS A 85 -12.06 -26.42 -3.59
N ASP A 86 -12.19 -26.11 -4.90
CA ASP A 86 -11.21 -26.53 -5.95
C ASP A 86 -9.86 -25.86 -5.71
N VAL A 87 -9.85 -24.58 -5.39
CA VAL A 87 -8.59 -23.83 -5.12
C VAL A 87 -7.92 -24.38 -3.86
N TYR A 88 -8.66 -24.54 -2.76
CA TYR A 88 -8.09 -24.94 -1.45
C TYR A 88 -7.55 -26.39 -1.52
N LYS A 89 -8.20 -27.24 -2.31
CA LYS A 89 -7.75 -28.63 -2.49
C LYS A 89 -6.29 -28.62 -2.96
N GLU A 90 -5.99 -27.75 -3.93
CA GLU A 90 -4.63 -27.67 -4.53
C GLU A 90 -3.71 -26.88 -3.59
N HIS A 91 -4.16 -25.78 -3.02
CA HIS A 91 -3.32 -24.88 -2.20
C HIS A 91 -2.80 -25.60 -0.95
N PHE A 92 -3.64 -26.39 -0.28
CA PHE A 92 -3.31 -27.14 0.96
C PHE A 92 -2.86 -28.58 0.63
N GLN A 93 -3.12 -29.03 -0.60
CA GLN A 93 -2.79 -30.43 -0.98
C GLN A 93 -3.60 -31.33 -0.06
N ASP A 94 -4.85 -30.97 0.20
CA ASP A 94 -5.67 -31.56 1.30
C ASP A 94 -7.08 -30.97 1.19
N ASP A 95 -8.08 -31.66 1.72
CA ASP A 95 -9.55 -31.36 1.59
C ASP A 95 -10.10 -30.41 2.67
N VAL A 96 -9.30 -29.81 3.53
CA VAL A 96 -9.70 -29.17 4.83
C VAL A 96 -10.83 -28.10 4.78
N PHE A 97 -11.16 -27.49 3.68
CA PHE A 97 -12.27 -26.49 3.54
C PHE A 97 -13.64 -26.88 4.09
N ASN A 98 -14.25 -25.96 4.85
CA ASN A 98 -15.57 -26.09 5.54
C ASN A 98 -16.73 -25.82 4.55
N GLU A 99 -16.89 -26.71 3.61
CA GLU A 99 -17.97 -26.66 2.60
C GLU A 99 -19.34 -26.69 3.31
N LYS A 100 -19.51 -27.55 4.31
N LYS A 100 -19.53 -27.55 4.31
CA LYS A 100 -20.78 -27.68 5.08
CA LYS A 100 -20.86 -27.64 5.00
C LYS A 100 -21.18 -26.30 5.66
C LYS A 100 -21.20 -26.28 5.65
N GLY A 101 -20.25 -25.67 6.36
CA GLY A 101 -20.51 -24.39 7.05
C GLY A 101 -20.91 -23.26 6.09
N TRP A 102 -20.26 -23.21 4.93
CA TRP A 102 -20.57 -22.21 3.85
C TRP A 102 -21.90 -22.57 3.20
N ASN A 103 -22.15 -23.86 2.98
CA ASN A 103 -23.43 -24.35 2.43
CA ASN A 103 -23.43 -24.28 2.37
C ASN A 103 -24.59 -23.94 3.34
N TYR A 104 -24.38 -24.05 4.66
CA TYR A 104 -25.39 -23.65 5.67
C TYR A 104 -25.80 -22.18 5.48
N ILE A 105 -24.84 -21.28 5.36
CA ILE A 105 -25.15 -19.83 5.13
C ILE A 105 -25.94 -19.67 3.82
N LEU A 106 -25.54 -20.34 2.75
CA LEU A 106 -26.25 -20.25 1.45
C LEU A 106 -27.72 -20.67 1.63
N GLU A 107 -27.96 -21.81 2.25
CA GLU A 107 -29.33 -22.40 2.30
C GLU A 107 -30.19 -21.69 3.35
N LYS A 108 -29.62 -21.34 4.50
CA LYS A 108 -30.42 -20.78 5.62
C LYS A 108 -30.63 -19.27 5.42
N TYR A 109 -29.66 -18.52 4.92
CA TYR A 109 -29.71 -17.02 4.90
C TYR A 109 -29.58 -16.50 3.46
N ASP A 110 -29.82 -17.33 2.46
CA ASP A 110 -29.65 -16.90 1.05
C ASP A 110 -28.25 -16.26 0.88
N GLY A 111 -27.26 -16.80 1.55
CA GLY A 111 -25.87 -16.37 1.37
C GLY A 111 -25.53 -15.04 2.02
N HIS A 112 -26.37 -14.54 2.90
CA HIS A 112 -26.12 -13.31 3.70
C HIS A 112 -25.40 -13.69 4.99
N LEU A 113 -24.36 -12.96 5.35
CA LEU A 113 -23.50 -13.31 6.52
C LEU A 113 -24.25 -13.09 7.83
N PRO A 114 -24.38 -14.14 8.65
CA PRO A 114 -24.99 -14.01 9.98
C PRO A 114 -23.99 -13.47 11.00
N ILE A 115 -23.71 -12.16 10.83
CA ILE A 115 -22.69 -11.38 11.58
C ILE A 115 -23.32 -10.08 12.04
N GLU A 116 -22.98 -9.63 13.23
CA GLU A 116 -23.34 -8.28 13.73
C GLU A 116 -22.05 -7.51 14.00
N ILE A 117 -21.95 -6.33 13.39
CA ILE A 117 -20.81 -5.40 13.58
C ILE A 117 -21.39 -4.13 14.20
N LYS A 118 -20.78 -3.72 15.31
CA LYS A 118 -21.06 -2.45 16.01
C LYS A 118 -19.80 -1.61 15.92
N ALA A 119 -19.94 -0.31 15.71
CA ALA A 119 -18.79 0.57 15.43
C ALA A 119 -19.07 1.97 15.95
N VAL A 120 -18.00 2.64 16.36
CA VAL A 120 -18.03 4.10 16.66
C VAL A 120 -18.34 4.81 15.34
N PRO A 121 -19.06 5.96 15.33
CA PRO A 121 -19.42 6.63 14.08
C PRO A 121 -18.18 7.06 13.31
N GLU A 122 -18.26 6.99 11.99
CA GLU A 122 -17.13 7.38 11.15
C GLU A 122 -16.85 8.87 11.33
N GLY A 123 -15.56 9.20 11.33
CA GLY A 123 -15.03 10.53 11.60
C GLY A 123 -14.75 10.74 13.08
N PHE A 124 -15.29 9.89 13.96
CA PHE A 124 -14.98 10.01 15.41
C PHE A 124 -13.46 9.94 15.63
N VAL A 125 -12.98 10.79 16.52
CA VAL A 125 -11.55 10.90 16.91
C VAL A 125 -11.43 10.32 18.32
N ILE A 126 -10.78 9.17 18.42
CA ILE A 126 -10.78 8.34 19.65
C ILE A 126 -9.34 8.15 20.09
N PRO A 127 -9.04 8.26 21.39
CA PRO A 127 -7.71 7.94 21.88
C PRO A 127 -7.34 6.46 21.64
N ARG A 128 -6.05 6.22 21.49
CA ARG A 128 -5.46 4.88 21.42
C ARG A 128 -6.01 4.01 22.54
N GLY A 129 -6.18 2.73 22.21
CA GLY A 129 -6.42 1.65 23.18
C GLY A 129 -7.86 1.51 23.51
N ASN A 130 -8.71 1.98 22.61
CA ASN A 130 -10.18 1.90 22.77
C ASN A 130 -10.77 0.99 21.70
N VAL A 131 -11.86 0.31 22.07
CA VAL A 131 -12.63 -0.48 21.08
C VAL A 131 -13.16 0.49 20.03
N LEU A 132 -12.99 0.14 18.75
CA LEU A 132 -13.54 0.93 17.63
C LEU A 132 -14.65 0.19 16.90
N PHE A 133 -14.58 -1.14 16.84
CA PHE A 133 -15.71 -1.96 16.34
C PHE A 133 -15.59 -3.36 16.93
N THR A 134 -16.72 -4.01 17.03
CA THR A 134 -16.87 -5.43 17.44
C THR A 134 -17.56 -6.22 16.35
N VAL A 135 -17.29 -7.54 16.37
CA VAL A 135 -17.80 -8.50 15.38
C VAL A 135 -18.25 -9.73 16.16
N GLU A 136 -19.45 -10.21 15.88
CA GLU A 136 -19.89 -11.52 16.48
C GLU A 136 -20.82 -12.23 15.50
N ASN A 137 -20.88 -13.53 15.61
CA ASN A 137 -21.83 -14.34 14.83
C ASN A 137 -23.22 -14.24 15.48
N THR A 138 -24.27 -14.23 14.65
CA THR A 138 -25.67 -14.15 15.12
C THR A 138 -26.33 -15.54 15.08
N ASP A 139 -25.67 -16.54 14.50
CA ASP A 139 -26.16 -17.94 14.45
C ASP A 139 -25.05 -18.81 15.07
N PRO A 140 -25.37 -19.71 16.02
CA PRO A 140 -24.35 -20.52 16.69
C PRO A 140 -23.57 -21.43 15.75
N GLU A 141 -24.15 -21.86 14.64
CA GLU A 141 -23.44 -22.68 13.62
C GLU A 141 -22.26 -21.87 13.04
N CYS A 142 -22.34 -20.54 13.06
CA CYS A 142 -21.40 -19.67 12.35
C CYS A 142 -20.37 -19.08 13.30
N TYR A 143 -20.04 -19.75 14.42
CA TYR A 143 -18.98 -19.31 15.35
C TYR A 143 -17.66 -19.05 14.61
N TRP A 144 -17.38 -19.78 13.54
CA TRP A 144 -16.10 -19.76 12.77
C TRP A 144 -16.03 -18.51 11.90
N LEU A 145 -17.15 -17.86 11.66
CA LEU A 145 -17.26 -16.80 10.62
C LEU A 145 -16.71 -15.47 11.14
N THR A 146 -16.78 -15.26 12.45
CA THR A 146 -16.36 -13.98 13.08
C THR A 146 -14.93 -13.66 12.66
N ASN A 147 -14.06 -14.65 12.78
CA ASN A 147 -12.62 -14.42 12.54
C ASN A 147 -12.25 -14.77 11.10
N TRP A 148 -13.10 -15.45 10.35
CA TRP A 148 -12.90 -15.60 8.87
C TRP A 148 -12.66 -14.20 8.29
N ILE A 149 -13.48 -13.23 8.70
CA ILE A 149 -13.52 -11.88 8.08
C ILE A 149 -12.55 -10.94 8.78
N GLU A 150 -11.71 -11.41 9.68
CA GLU A 150 -10.66 -10.59 10.28
C GLU A 150 -9.83 -9.93 9.18
N THR A 151 -9.39 -10.71 8.22
CA THR A 151 -8.41 -10.23 7.22
C THR A 151 -8.97 -9.04 6.47
N ILE A 152 -10.20 -9.16 5.97
CA ILE A 152 -10.82 -8.06 5.18
C ILE A 152 -11.13 -6.83 6.06
N LEU A 153 -11.57 -7.02 7.30
CA LEU A 153 -11.94 -5.92 8.21
C LEU A 153 -10.68 -5.21 8.70
N VAL A 154 -9.59 -5.93 8.92
CA VAL A 154 -8.34 -5.30 9.45
C VAL A 154 -7.70 -4.38 8.41
N GLN A 155 -8.03 -4.55 7.12
CA GLN A 155 -7.57 -3.58 6.08
C GLN A 155 -8.12 -2.16 6.32
N SER A 156 -9.11 -2.01 7.20
CA SER A 156 -9.55 -0.70 7.69
C SER A 156 -8.37 0.05 8.32
N TRP A 157 -7.29 -0.62 8.76
CA TRP A 157 -6.07 0.06 9.26
C TRP A 157 -5.66 1.20 8.30
N TYR A 158 -5.83 0.98 6.98
CA TYR A 158 -5.23 1.86 5.97
C TYR A 158 -5.98 3.19 5.94
N PRO A 159 -7.32 3.24 5.69
CA PRO A 159 -8.04 4.49 5.79
C PRO A 159 -7.94 5.12 7.17
N ILE A 160 -7.96 4.34 8.25
CA ILE A 160 -7.81 4.97 9.59
C ILE A 160 -6.46 5.70 9.63
N THR A 161 -5.40 5.02 9.19
CA THR A 161 -4.03 5.54 9.36
C THR A 161 -3.80 6.73 8.43
N VAL A 162 -4.31 6.66 7.21
CA VAL A 162 -4.12 7.80 6.30
C VAL A 162 -4.86 9.01 6.89
N ALA A 163 -6.12 8.81 7.27
CA ALA A 163 -6.98 9.89 7.84
C ALA A 163 -6.31 10.47 9.09
N THR A 164 -5.75 9.62 9.94
CA THR A 164 -5.12 10.06 11.20
C THR A 164 -3.83 10.87 10.90
N ASN A 165 -2.99 10.36 10.03
CA ASN A 165 -1.69 10.99 9.72
C ASN A 165 -1.95 12.31 8.99
N SER A 166 -2.95 12.36 8.10
CA SER A 166 -3.34 13.59 7.40
C SER A 166 -3.86 14.61 8.45
N ARG A 167 -4.66 14.18 9.43
CA ARG A 167 -5.18 15.08 10.47
C ARG A 167 -4.05 15.60 11.37
N GLU A 168 -3.06 14.77 11.67
CA GLU A 168 -1.89 15.18 12.49
C GLU A 168 -1.07 16.25 11.73
N GLN A 169 -1.00 16.15 10.40
CA GLN A 169 -0.37 17.21 9.56
C GLN A 169 -1.21 18.48 9.58
N LYS A 170 -2.55 18.35 9.54
CA LYS A 170 -3.42 19.52 9.63
C LYS A 170 -3.21 20.25 10.95
N LYS A 171 -2.96 19.50 12.02
CA LYS A 171 -2.77 20.14 13.34
C LYS A 171 -1.50 20.96 13.32
N ILE A 172 -0.43 20.41 12.73
CA ILE A 172 0.88 21.13 12.63
C ILE A 172 0.69 22.40 11.78
N LEU A 173 0.01 22.28 10.63
CA LEU A 173 -0.23 23.43 9.74
C LEU A 173 -1.07 24.47 10.50
N ALA A 174 -2.11 24.04 11.21
CA ALA A 174 -3.02 24.97 11.92
C ALA A 174 -2.20 25.76 12.94
N LYS A 175 -1.39 25.06 13.73
CA LYS A 175 -0.61 25.72 14.80
C LYS A 175 0.29 26.82 14.19
N TYR A 176 1.09 26.50 13.16
CA TYR A 176 2.08 27.45 12.57
C TYR A 176 1.37 28.55 11.75
N LEU A 177 0.28 28.22 11.06
CA LEU A 177 -0.50 29.26 10.33
C LEU A 177 -1.08 30.26 11.32
N LEU A 178 -1.62 29.77 12.43
CA LEU A 178 -2.24 30.64 13.46
C LEU A 178 -1.12 31.49 14.09
N GLU A 179 0.02 30.91 14.40
CA GLU A 179 1.10 31.67 15.08
C GLU A 179 1.67 32.72 14.13
N THR A 180 1.85 32.42 12.85
CA THR A 180 2.54 33.35 11.91
C THR A 180 1.57 34.29 11.21
N SER A 181 0.25 34.03 11.20
CA SER A 181 -0.73 34.84 10.41
C SER A 181 -1.89 35.35 11.27
N GLY A 182 -2.24 34.69 12.37
CA GLY A 182 -3.39 35.07 13.22
C GLY A 182 -4.70 34.49 12.72
N ASN A 183 -4.70 33.62 11.72
CA ASN A 183 -5.95 32.87 11.38
C ASN A 183 -5.60 31.61 10.57
N LEU A 184 -6.64 30.91 10.11
CA LEU A 184 -6.57 29.57 9.51
C LEU A 184 -7.05 29.64 8.08
N ASP A 185 -7.08 30.80 7.45
CA ASP A 185 -7.65 30.92 6.08
C ASP A 185 -6.84 30.02 5.12
N GLY A 186 -7.53 29.20 4.32
CA GLY A 186 -6.83 28.34 3.34
C GLY A 186 -6.22 27.08 3.94
N LEU A 187 -6.40 26.79 5.23
CA LEU A 187 -5.85 25.59 5.89
C LEU A 187 -6.27 24.32 5.14
N GLU A 188 -7.52 24.24 4.67
N GLU A 188 -7.51 24.26 4.67
CA GLU A 188 -8.08 23.01 4.06
CA GLU A 188 -8.10 23.04 4.05
C GLU A 188 -7.45 22.77 2.68
C GLU A 188 -7.46 22.78 2.67
N TYR A 189 -6.58 23.65 2.19
CA TYR A 189 -5.89 23.48 0.88
C TYR A 189 -4.38 23.45 1.05
N LYS A 190 -3.87 23.36 2.27
CA LYS A 190 -2.42 23.49 2.49
C LYS A 190 -1.65 22.19 2.32
N LEU A 191 -2.32 21.04 2.28
CA LEU A 191 -1.69 19.73 2.04
C LEU A 191 -2.42 19.02 0.88
N HIS A 192 -1.78 19.04 -0.28
CA HIS A 192 -2.34 18.52 -1.54
C HIS A 192 -1.85 17.07 -1.73
N ASP A 193 -2.76 16.19 -2.08
CA ASP A 193 -2.46 14.75 -2.37
C ASP A 193 -1.87 14.62 -3.76
N PHE A 194 -0.59 14.26 -3.81
CA PHE A 194 0.18 13.95 -5.04
C PHE A 194 0.45 12.43 -5.19
N GLY A 195 -0.24 11.58 -4.45
CA GLY A 195 0.22 10.20 -4.24
C GLY A 195 -0.32 9.15 -5.20
N TYR A 196 -1.04 9.51 -6.27
CA TYR A 196 -1.70 8.50 -7.12
C TYR A 196 -0.64 7.52 -7.69
N ARG A 197 0.49 8.00 -8.22
CA ARG A 197 1.48 7.13 -8.83
C ARG A 197 2.31 6.33 -7.80
N GLY A 198 2.32 6.78 -6.55
CA GLY A 198 3.19 6.27 -5.46
C GLY A 198 2.50 5.29 -4.54
N VAL A 199 1.26 4.92 -4.83
CA VAL A 199 0.58 3.84 -4.07
C VAL A 199 0.64 2.54 -4.87
N SER A 200 0.25 1.45 -4.23
CA SER A 200 0.49 0.08 -4.67
C SER A 200 -0.60 -0.38 -5.63
N SER A 201 -1.73 0.30 -5.73
CA SER A 201 -2.78 -0.13 -6.68
C SER A 201 -3.82 0.98 -6.91
N GLN A 202 -4.66 0.77 -7.93
CA GLN A 202 -5.82 1.65 -8.20
C GLN A 202 -6.71 1.65 -6.95
N GLU A 203 -7.03 0.48 -6.41
CA GLU A 203 -8.00 0.44 -5.29
C GLU A 203 -7.41 1.25 -4.13
N THR A 204 -6.15 1.06 -3.85
CA THR A 204 -5.51 1.77 -2.70
C THR A 204 -5.56 3.29 -2.95
N ALA A 205 -5.33 3.74 -4.18
CA ALA A 205 -5.38 5.17 -4.54
C ALA A 205 -6.75 5.75 -4.11
N GLY A 206 -7.86 5.12 -4.49
CA GLY A 206 -9.21 5.62 -4.12
C GLY A 206 -9.42 5.67 -2.61
N ILE A 207 -9.11 4.60 -1.93
CA ILE A 207 -9.27 4.52 -0.44
C ILE A 207 -8.42 5.61 0.22
N GLY A 208 -7.13 5.68 -0.11
CA GLY A 208 -6.22 6.59 0.59
C GLY A 208 -6.58 8.03 0.30
N ALA A 209 -6.82 8.36 -0.97
CA ALA A 209 -7.23 9.72 -1.36
C ALA A 209 -8.51 10.12 -0.61
N SER A 210 -9.46 9.22 -0.45
CA SER A 210 -10.74 9.51 0.25
C SER A 210 -10.42 9.82 1.70
N ALA A 211 -9.45 9.12 2.29
CA ALA A 211 -9.09 9.28 3.72
C ALA A 211 -8.44 10.65 3.97
N HIS A 212 -7.59 11.08 3.04
CA HIS A 212 -7.01 12.45 3.13
C HIS A 212 -8.11 13.52 3.05
N LEU A 213 -9.12 13.31 2.18
CA LEU A 213 -10.18 14.30 1.96
C LEU A 213 -11.07 14.43 3.19
N VAL A 214 -10.93 13.56 4.17
CA VAL A 214 -11.60 13.77 5.49
C VAL A 214 -11.12 15.12 6.05
N ASN A 215 -9.86 15.49 5.82
CA ASN A 215 -9.18 16.63 6.51
C ASN A 215 -8.94 17.83 5.57
N PHE A 216 -8.73 17.59 4.29
CA PHE A 216 -8.36 18.61 3.28
C PHE A 216 -9.31 18.52 2.08
N LYS A 217 -9.20 19.48 1.17
CA LYS A 217 -10.08 19.57 -0.04
C LYS A 217 -9.29 19.48 -1.33
N GLY A 218 -7.95 19.44 -1.29
CA GLY A 218 -7.11 19.46 -2.49
C GLY A 218 -6.51 18.11 -2.79
N THR A 219 -6.71 17.61 -3.98
CA THR A 219 -6.25 16.29 -4.41
C THR A 219 -6.02 16.25 -5.92
N ASP A 220 -4.98 15.53 -6.34
CA ASP A 220 -4.76 15.12 -7.74
C ASP A 220 -5.07 13.62 -7.86
N THR A 221 -5.44 12.97 -6.78
CA THR A 221 -5.69 11.50 -6.82
C THR A 221 -7.16 11.35 -7.15
N VAL A 222 -7.49 11.47 -8.43
CA VAL A 222 -8.88 11.53 -8.95
C VAL A 222 -9.73 10.33 -8.45
N ALA A 223 -9.15 9.14 -8.28
CA ALA A 223 -9.83 7.91 -7.81
C ALA A 223 -10.61 8.14 -6.50
N GLY A 224 -10.16 9.04 -5.62
CA GLY A 224 -10.84 9.33 -4.36
C GLY A 224 -12.28 9.86 -4.57
N LEU A 225 -12.50 10.61 -5.65
CA LEU A 225 -13.82 11.31 -5.86
C LEU A 225 -14.94 10.28 -6.03
N ALA A 226 -14.78 9.28 -6.87
CA ALA A 226 -15.84 8.31 -7.21
C ALA A 226 -16.10 7.43 -6.00
N LEU A 227 -15.05 7.11 -5.25
CA LEU A 227 -15.24 6.26 -4.05
C LEU A 227 -16.18 7.01 -3.09
N ILE A 228 -15.90 8.29 -2.85
CA ILE A 228 -16.69 9.06 -1.86
C ILE A 228 -18.13 9.21 -2.37
N LYS A 229 -18.32 9.52 -3.64
CA LYS A 229 -19.69 9.69 -4.20
C LYS A 229 -20.45 8.36 -4.07
N LYS A 230 -19.82 7.23 -4.37
CA LYS A 230 -20.55 5.94 -4.42
C LYS A 230 -20.79 5.44 -2.97
N TYR A 231 -19.88 5.57 -2.03
CA TYR A 231 -20.01 4.87 -0.71
C TYR A 231 -20.40 5.80 0.44
N TYR A 232 -20.20 7.11 0.34
CA TYR A 232 -20.44 8.06 1.45
C TYR A 232 -21.39 9.19 1.07
N GLY A 233 -21.04 9.96 0.04
CA GLY A 233 -21.88 11.04 -0.50
C GLY A 233 -21.55 12.39 0.15
N THR A 234 -21.60 13.45 -0.64
CA THR A 234 -21.47 14.87 -0.19
C THR A 234 -22.60 15.71 -0.79
N LYS A 235 -23.00 16.75 -0.06
CA LYS A 235 -23.90 17.84 -0.53
C LYS A 235 -23.21 18.61 -1.67
N ASP A 236 -21.89 18.79 -1.62
CA ASP A 236 -21.09 19.43 -2.73
C ASP A 236 -21.08 18.53 -3.96
N PRO A 237 -20.97 19.07 -5.19
CA PRO A 237 -20.88 18.20 -6.39
C PRO A 237 -19.67 17.26 -6.31
N VAL A 238 -18.54 17.75 -5.79
CA VAL A 238 -17.31 16.93 -5.57
C VAL A 238 -16.70 17.23 -4.21
N PRO A 239 -16.05 16.22 -3.62
CA PRO A 239 -15.38 16.36 -2.32
C PRO A 239 -13.97 16.96 -2.37
N GLY A 240 -13.42 17.19 -3.56
CA GLY A 240 -12.02 17.64 -3.66
C GLY A 240 -11.71 18.26 -4.99
N TYR A 241 -10.72 19.15 -4.98
CA TYR A 241 -10.52 20.13 -6.08
C TYR A 241 -9.04 20.14 -6.49
N SER A 242 -8.78 20.62 -7.69
CA SER A 242 -7.40 20.86 -8.16
C SER A 242 -7.37 22.08 -9.07
N VAL A 243 -6.14 22.40 -9.48
CA VAL A 243 -5.85 23.49 -10.44
C VAL A 243 -4.81 22.98 -11.43
N PRO A 244 -4.73 23.67 -12.59
CA PRO A 244 -3.73 23.31 -13.58
C PRO A 244 -2.31 23.36 -12.97
N ALA A 245 -1.44 22.47 -13.44
CA ALA A 245 -0.05 22.45 -12.98
C ALA A 245 0.79 21.81 -14.08
N ALA A 246 2.03 22.26 -14.18
CA ALA A 246 3.06 21.66 -15.05
C ALA A 246 3.68 20.42 -14.43
N GLU A 247 4.25 19.58 -15.30
CA GLU A 247 5.21 18.53 -14.89
C GLU A 247 6.50 18.72 -15.67
N HIS A 248 7.54 17.95 -15.33
CA HIS A 248 8.85 18.09 -16.03
C HIS A 248 8.67 17.86 -17.53
N SER A 249 7.77 16.97 -17.97
CA SER A 249 7.62 16.73 -19.45
C SER A 249 7.17 18.02 -20.15
N THR A 250 6.23 18.77 -19.56
CA THR A 250 5.65 19.98 -20.24
C THR A 250 6.60 21.19 -20.23
N ILE A 251 7.62 21.21 -19.36
CA ILE A 251 8.71 22.22 -19.40
C ILE A 251 9.85 21.71 -20.32
N THR A 252 10.39 20.52 -20.06
CA THR A 252 11.60 20.01 -20.77
C THR A 252 11.31 19.77 -22.26
N ALA A 253 10.06 19.48 -22.66
CA ALA A 253 9.67 19.26 -24.08
C ALA A 253 10.06 20.45 -24.95
N TRP A 254 10.19 21.64 -24.40
CA TRP A 254 10.48 22.91 -25.13
C TRP A 254 11.97 22.95 -25.48
N GLY A 255 12.77 22.15 -24.78
CA GLY A 255 14.25 22.14 -24.95
C GLY A 255 14.90 22.96 -23.86
N LYS A 256 16.15 22.63 -23.57
CA LYS A 256 16.89 23.18 -22.40
C LYS A 256 17.03 24.69 -22.53
N ASP A 257 17.13 25.25 -23.74
CA ASP A 257 17.34 26.72 -23.94
C ASP A 257 15.99 27.47 -23.97
N HIS A 258 14.87 26.79 -23.77
CA HIS A 258 13.52 27.41 -23.94
C HIS A 258 12.67 27.27 -22.68
N GLU A 259 13.30 27.14 -21.52
CA GLU A 259 12.56 27.01 -20.24
C GLU A 259 11.65 28.23 -20.10
N LYS A 260 12.17 29.41 -20.42
CA LYS A 260 11.42 30.68 -20.30
C LYS A 260 10.20 30.63 -21.23
N ASP A 261 10.38 30.14 -22.45
CA ASP A 261 9.26 30.01 -23.42
C ASP A 261 8.18 29.09 -22.84
N ALA A 262 8.56 27.99 -22.17
CA ALA A 262 7.60 27.04 -21.58
C ALA A 262 6.84 27.77 -20.45
N PHE A 263 7.56 28.42 -19.55
CA PHE A 263 6.94 29.20 -18.41
C PHE A 263 5.93 30.20 -18.99
N GLU A 264 6.36 30.99 -19.98
CA GLU A 264 5.51 32.06 -20.55
C GLU A 264 4.23 31.43 -21.12
N HIS A 265 4.34 30.39 -21.92
CA HIS A 265 3.17 29.77 -22.58
C HIS A 265 2.21 29.23 -21.51
N ILE A 266 2.74 28.54 -20.49
CA ILE A 266 1.89 27.92 -19.46
C ILE A 266 1.14 29.00 -18.64
N VAL A 267 1.83 30.04 -18.15
CA VAL A 267 1.12 31.06 -17.31
C VAL A 267 0.17 31.87 -18.17
N THR A 268 0.44 32.00 -19.47
CA THR A 268 -0.47 32.69 -20.41
C THR A 268 -1.70 31.82 -20.68
N GLN A 269 -1.54 30.51 -20.89
CA GLN A 269 -2.68 29.61 -21.10
C GLN A 269 -3.58 29.64 -19.87
N PHE A 270 -3.03 29.65 -18.66
CA PHE A 270 -3.80 29.57 -17.39
C PHE A 270 -3.69 30.92 -16.66
N SER A 271 -4.12 32.00 -17.29
CA SER A 271 -3.85 33.40 -16.84
C SER A 271 -4.90 33.82 -15.79
N SER A 272 -6.02 33.10 -15.67
CA SER A 272 -7.18 33.53 -14.85
CA SER A 272 -7.18 33.53 -14.85
C SER A 272 -7.52 32.49 -13.77
N VAL A 273 -6.67 31.45 -13.57
CA VAL A 273 -6.86 30.48 -12.48
C VAL A 273 -5.50 30.32 -11.80
N PRO A 274 -5.43 29.75 -10.60
CA PRO A 274 -4.15 29.41 -9.99
C PRO A 274 -3.40 28.43 -10.90
N VAL A 275 -2.08 28.60 -11.05
CA VAL A 275 -1.29 27.65 -11.86
C VAL A 275 0.01 27.34 -11.12
N SER A 276 0.28 26.06 -10.96
CA SER A 276 1.52 25.52 -10.35
C SER A 276 2.55 25.23 -11.44
N VAL A 277 3.77 25.77 -11.30
CA VAL A 277 4.80 25.57 -12.35
C VAL A 277 6.11 25.05 -11.75
N VAL A 278 6.38 23.78 -12.04
CA VAL A 278 7.64 23.12 -11.58
C VAL A 278 8.84 23.86 -12.17
N SER A 279 9.76 24.28 -11.32
CA SER A 279 10.74 25.33 -11.70
C SER A 279 12.18 24.83 -11.50
N ASP A 280 12.38 23.53 -11.23
CA ASP A 280 13.71 22.97 -10.90
C ASP A 280 14.23 22.09 -12.04
N SER A 281 13.66 22.10 -13.26
CA SER A 281 14.11 21.22 -14.37
C SER A 281 15.65 21.31 -14.53
N TYR A 282 16.23 22.49 -14.38
CA TYR A 282 17.67 22.73 -14.66
C TYR A 282 18.33 23.43 -13.49
N ASP A 283 17.72 24.52 -13.03
CA ASP A 283 18.28 25.31 -11.91
C ASP A 283 17.15 26.13 -11.30
N ILE A 284 16.63 25.60 -10.22
CA ILE A 284 15.50 26.22 -9.47
C ILE A 284 15.84 27.66 -9.09
N TYR A 285 17.08 27.93 -8.68
CA TYR A 285 17.45 29.28 -8.16
C TYR A 285 17.54 30.30 -9.31
N ASN A 286 18.11 29.92 -10.43
CA ASN A 286 18.11 30.73 -11.66
C ASN A 286 16.67 30.98 -12.11
N ALA A 287 15.85 29.94 -12.10
CA ALA A 287 14.44 30.10 -12.57
C ALA A 287 13.72 31.15 -11.71
N CYS A 288 13.94 31.14 -10.41
CA CYS A 288 13.23 32.04 -9.48
C CYS A 288 13.78 33.45 -9.67
N GLU A 289 15.10 33.62 -9.68
CA GLU A 289 15.74 34.94 -9.66
C GLU A 289 15.63 35.61 -11.03
N LYS A 290 15.96 34.88 -12.11
CA LYS A 290 16.17 35.49 -13.44
C LYS A 290 14.94 35.28 -14.30
N ILE A 291 14.32 34.10 -14.31
CA ILE A 291 13.20 33.84 -15.26
C ILE A 291 11.91 34.44 -14.68
N TRP A 292 11.44 33.97 -13.54
CA TRP A 292 10.25 34.53 -12.88
C TRP A 292 10.59 35.94 -12.35
N GLY A 293 11.78 36.11 -11.78
CA GLY A 293 12.08 37.35 -11.02
C GLY A 293 12.50 38.52 -11.92
N GLU A 294 12.82 38.29 -13.19
CA GLU A 294 13.24 39.38 -14.12
C GLU A 294 12.53 39.19 -15.45
N ASP A 295 12.85 38.14 -16.24
CA ASP A 295 12.37 38.02 -17.65
C ASP A 295 10.84 38.01 -17.67
N LEU A 296 10.16 37.28 -16.79
CA LEU A 296 8.68 37.06 -16.89
C LEU A 296 7.94 37.73 -15.73
N ARG A 297 8.61 38.63 -15.01
CA ARG A 297 8.05 39.30 -13.81
C ARG A 297 6.76 40.03 -14.19
N HIS A 298 6.73 40.63 -15.39
CA HIS A 298 5.59 41.43 -15.89
C HIS A 298 4.34 40.57 -16.03
N LEU A 299 4.45 39.26 -16.19
CA LEU A 299 3.31 38.32 -16.34
C LEU A 299 2.84 37.82 -14.98
N ILE A 300 3.61 38.07 -13.93
CA ILE A 300 3.32 37.55 -12.57
C ILE A 300 2.63 38.67 -11.79
N VAL A 301 3.20 39.87 -11.78
CA VAL A 301 2.68 40.98 -10.92
C VAL A 301 1.30 41.46 -11.40
N SER A 302 0.88 41.13 -12.62
CA SER A 302 -0.42 41.48 -13.23
C SER A 302 -1.50 40.47 -12.84
N ARG A 303 -1.15 39.34 -12.19
CA ARG A 303 -2.14 38.26 -11.92
C ARG A 303 -3.04 38.61 -10.73
N SER A 304 -4.25 38.05 -10.71
CA SER A 304 -5.23 38.32 -9.63
C SER A 304 -4.89 37.46 -8.41
N THR A 305 -5.32 37.92 -7.26
CA THR A 305 -5.26 37.21 -5.96
C THR A 305 -5.97 35.85 -6.04
N GLN A 306 -6.93 35.71 -6.94
CA GLN A 306 -7.64 34.41 -7.11
C GLN A 306 -6.90 33.51 -8.12
N ALA A 307 -5.79 33.97 -8.70
CA ALA A 307 -5.08 33.23 -9.77
C ALA A 307 -3.59 33.41 -9.62
N PRO A 308 -3.03 33.08 -8.44
CA PRO A 308 -1.59 33.23 -8.25
C PRO A 308 -0.79 32.28 -9.15
N LEU A 309 0.44 32.68 -9.46
CA LEU A 309 1.51 31.74 -9.81
C LEU A 309 1.94 30.99 -8.55
N ILE A 310 2.02 29.67 -8.63
CA ILE A 310 2.54 28.87 -7.52
C ILE A 310 3.84 28.23 -8.02
N ILE A 311 4.96 28.72 -7.51
CA ILE A 311 6.29 28.22 -7.91
C ILE A 311 6.52 26.90 -7.20
N ARG A 312 6.90 25.86 -7.95
CA ARG A 312 7.09 24.52 -7.36
CA ARG A 312 7.08 24.51 -7.37
C ARG A 312 8.53 24.06 -7.53
N PRO A 313 9.34 24.13 -6.45
CA PRO A 313 10.59 23.38 -6.39
C PRO A 313 10.26 21.88 -6.26
N ASP A 314 11.22 21.02 -6.57
CA ASP A 314 10.94 19.56 -6.56
C ASP A 314 12.23 18.76 -6.34
N SER A 315 13.27 19.33 -5.74
CA SER A 315 14.56 18.62 -5.52
C SER A 315 15.40 19.40 -4.54
N GLY A 316 16.47 18.75 -4.07
CA GLY A 316 17.30 19.34 -3.02
C GLY A 316 16.79 19.08 -1.62
N ASN A 317 17.57 19.49 -0.62
CA ASN A 317 17.09 19.45 0.76
C ASN A 317 15.78 20.25 0.87
N PRO A 318 14.65 19.65 1.30
CA PRO A 318 13.36 20.37 1.25
C PRO A 318 13.35 21.67 2.06
N LEU A 319 13.92 21.67 3.28
CA LEU A 319 13.95 22.93 4.07
C LEU A 319 14.86 23.93 3.39
N ASP A 320 16.12 23.55 3.07
CA ASP A 320 17.11 24.51 2.55
C ASP A 320 16.53 25.15 1.28
N THR A 321 15.85 24.38 0.45
CA THR A 321 15.40 24.81 -0.89
C THR A 321 14.25 25.77 -0.68
N VAL A 322 13.27 25.44 0.17
CA VAL A 322 12.16 26.38 0.49
C VAL A 322 12.73 27.72 0.98
N LEU A 323 13.68 27.70 1.93
CA LEU A 323 14.17 28.98 2.52
C LEU A 323 14.88 29.80 1.45
N LYS A 324 15.67 29.15 0.60
CA LYS A 324 16.44 29.89 -0.42
C LYS A 324 15.45 30.41 -1.49
N VAL A 325 14.46 29.61 -1.91
CA VAL A 325 13.44 30.11 -2.88
C VAL A 325 12.77 31.36 -2.27
N LEU A 326 12.39 31.33 -1.00
CA LEU A 326 11.67 32.49 -0.40
C LEU A 326 12.62 33.70 -0.34
N GLU A 327 13.90 33.49 0.02
CA GLU A 327 14.92 34.57 0.04
C GLU A 327 14.99 35.20 -1.36
N ILE A 328 15.03 34.38 -2.39
CA ILE A 328 15.16 34.91 -3.77
C ILE A 328 13.92 35.74 -4.11
N LEU A 329 12.73 35.16 -3.93
CA LEU A 329 11.46 35.81 -4.33
C LEU A 329 11.26 37.10 -3.53
N GLY A 330 11.66 37.12 -2.26
CA GLY A 330 11.50 38.31 -1.41
C GLY A 330 12.39 39.45 -1.87
N LYS A 331 13.44 39.17 -2.64
CA LYS A 331 14.31 40.24 -3.17
C LYS A 331 13.83 40.66 -4.55
N LYS A 332 12.96 39.91 -5.21
CA LYS A 332 12.54 40.29 -6.57
C LYS A 332 11.10 40.81 -6.58
N PHE A 333 10.35 40.58 -5.51
CA PHE A 333 8.90 40.90 -5.44
C PHE A 333 8.66 41.71 -4.18
N PRO A 334 7.61 42.56 -4.13
CA PRO A 334 7.30 43.38 -2.96
C PRO A 334 6.73 42.57 -1.79
N VAL A 335 7.52 42.46 -0.74
CA VAL A 335 7.19 41.68 0.47
C VAL A 335 6.57 42.65 1.48
N THR A 336 5.52 42.20 2.16
CA THR A 336 4.91 42.95 3.27
C THR A 336 5.28 42.24 4.56
N GLU A 337 4.98 42.90 5.66
CA GLU A 337 5.08 42.30 7.00
C GLU A 337 3.68 42.30 7.58
N ASN A 338 3.17 41.14 7.91
CA ASN A 338 1.79 40.98 8.40
C ASN A 338 1.72 41.43 9.88
N SER A 339 0.54 41.35 10.45
CA SER A 339 0.27 41.96 11.77
C SER A 339 1.03 41.18 12.86
N LYS A 340 1.47 39.96 12.58
CA LYS A 340 2.23 39.12 13.56
C LYS A 340 3.75 39.35 13.40
N GLY A 341 4.19 40.17 12.43
CA GLY A 341 5.62 40.46 12.21
C GLY A 341 6.29 39.48 11.24
N TYR A 342 5.52 38.71 10.46
CA TYR A 342 6.06 37.70 9.51
C TYR A 342 5.95 38.23 8.09
N LYS A 343 6.93 37.84 7.28
CA LYS A 343 7.04 38.27 5.89
C LYS A 343 6.00 37.55 5.07
N LEU A 344 5.47 38.24 4.07
CA LEU A 344 4.38 37.75 3.22
C LEU A 344 4.65 38.20 1.78
N LEU A 345 4.74 37.25 0.85
CA LEU A 345 4.81 37.51 -0.58
C LEU A 345 3.51 38.18 -1.00
N PRO A 346 3.54 38.86 -2.15
CA PRO A 346 2.33 39.40 -2.72
C PRO A 346 1.35 38.29 -3.07
N PRO A 347 0.04 38.61 -3.09
CA PRO A 347 -0.97 37.56 -3.16
C PRO A 347 -1.00 36.83 -4.50
N TYR A 348 -0.32 37.34 -5.53
CA TYR A 348 -0.27 36.70 -6.87
C TYR A 348 0.86 35.68 -6.94
N LEU A 349 1.57 35.43 -5.83
CA LEU A 349 2.79 34.56 -5.84
C LEU A 349 2.86 33.69 -4.56
N ARG A 350 2.92 32.40 -4.75
CA ARG A 350 2.97 31.42 -3.64
C ARG A 350 3.96 30.31 -4.03
N VAL A 351 4.31 29.46 -3.08
CA VAL A 351 5.28 28.37 -3.26
C VAL A 351 4.60 27.07 -2.83
N ILE A 352 4.86 25.97 -3.54
CA ILE A 352 4.40 24.62 -3.09
C ILE A 352 5.62 23.74 -3.09
N GLN A 353 5.92 23.14 -1.93
CA GLN A 353 7.00 22.13 -1.80
C GLN A 353 6.32 20.77 -1.91
N GLY A 354 6.58 20.03 -2.99
CA GLY A 354 5.93 18.70 -3.20
C GLY A 354 6.86 17.53 -3.32
N ASP A 355 8.10 17.67 -2.86
CA ASP A 355 9.14 16.61 -2.90
C ASP A 355 9.58 16.32 -1.46
N GLY A 356 9.60 15.07 -1.07
CA GLY A 356 10.18 14.65 0.22
C GLY A 356 9.30 15.06 1.38
N VAL A 357 8.02 15.31 1.17
CA VAL A 357 7.12 15.77 2.26
C VAL A 357 6.48 14.55 2.92
N ASP A 358 6.74 14.45 4.21
CA ASP A 358 5.99 13.57 5.15
C ASP A 358 5.77 14.40 6.42
N ILE A 359 5.15 13.82 7.43
CA ILE A 359 4.81 14.58 8.66
C ILE A 359 6.08 15.14 9.30
N ASN A 360 7.22 14.44 9.26
CA ASN A 360 8.46 14.94 9.88
C ASN A 360 9.01 16.13 9.08
N THR A 361 9.07 16.04 7.76
CA THR A 361 9.69 17.14 6.97
C THR A 361 8.73 18.34 6.94
N LEU A 362 7.42 18.12 6.97
CA LEU A 362 6.47 19.23 7.02
C LEU A 362 6.71 20.03 8.29
N GLN A 363 6.83 19.35 9.44
CA GLN A 363 7.15 20.00 10.74
C GLN A 363 8.47 20.79 10.62
N GLU A 364 9.51 20.17 10.07
CA GLU A 364 10.83 20.81 9.94
C GLU A 364 10.70 22.08 9.08
N ILE A 365 9.97 22.01 7.96
CA ILE A 365 9.85 23.19 7.04
C ILE A 365 9.10 24.33 7.74
N VAL A 366 7.93 24.09 8.32
CA VAL A 366 7.19 25.24 8.88
C VAL A 366 8.01 25.82 10.06
N GLU A 367 8.70 24.98 10.85
CA GLU A 367 9.51 25.49 11.99
C GLU A 367 10.67 26.31 11.42
N GLY A 368 11.29 25.85 10.35
CA GLY A 368 12.41 26.60 9.74
C GLY A 368 11.94 27.91 9.15
N MET A 369 10.75 27.92 8.55
CA MET A 369 10.14 29.16 8.01
C MET A 369 9.84 30.14 9.14
N LYS A 370 9.30 29.66 10.24
CA LYS A 370 8.97 30.55 11.37
C LYS A 370 10.26 31.17 11.93
N GLN A 371 11.34 30.40 12.03
CA GLN A 371 12.61 30.92 12.61
C GLN A 371 13.19 31.97 11.67
N LYS A 372 12.91 31.89 10.35
CA LYS A 372 13.39 32.90 9.39
C LYS A 372 12.31 33.97 9.15
N MET A 373 11.25 33.99 9.96
CA MET A 373 10.23 35.08 10.00
C MET A 373 9.43 35.11 8.69
N TRP A 374 9.19 33.94 8.09
CA TRP A 374 8.32 33.77 6.90
C TRP A 374 6.95 33.28 7.36
N SER A 375 5.89 33.93 6.93
CA SER A 375 4.53 33.41 7.24
C SER A 375 4.32 32.05 6.58
N ILE A 376 3.58 31.16 7.25
CA ILE A 376 3.11 29.91 6.62
C ILE A 376 2.02 30.22 5.55
N GLU A 377 1.48 31.43 5.52
CA GLU A 377 0.61 31.89 4.41
C GLU A 377 1.31 31.70 3.04
N ASN A 378 2.64 31.80 2.98
CA ASN A 378 3.43 31.77 1.72
C ASN A 378 3.50 30.37 1.09
N ILE A 379 3.32 29.31 1.88
CA ILE A 379 3.71 27.94 1.49
C ILE A 379 2.46 27.06 1.50
N ALA A 380 2.48 26.08 0.62
CA ALA A 380 1.60 24.89 0.66
C ALA A 380 2.47 23.67 0.39
N PHE A 381 1.92 22.51 0.68
CA PHE A 381 2.65 21.24 0.58
C PHE A 381 1.87 20.31 -0.34
N GLY A 382 2.63 19.58 -1.13
CA GLY A 382 2.19 18.36 -1.85
C GLY A 382 2.87 17.17 -1.21
N SER A 383 2.15 16.07 -1.01
CA SER A 383 2.70 14.83 -0.45
C SER A 383 2.10 13.66 -1.21
N GLY A 384 2.97 12.78 -1.67
CA GLY A 384 2.63 11.56 -2.40
C GLY A 384 2.84 10.31 -1.55
N GLY A 385 4.01 9.69 -1.66
CA GLY A 385 4.33 8.47 -0.90
C GLY A 385 4.22 8.69 0.62
N GLY A 386 4.67 9.85 1.10
CA GLY A 386 4.54 10.22 2.51
C GLY A 386 3.11 10.21 2.99
N LEU A 387 2.18 10.61 2.15
CA LEU A 387 0.74 10.76 2.55
C LEU A 387 0.01 9.41 2.44
N LEU A 388 0.27 8.62 1.41
CA LEU A 388 -0.63 7.50 1.05
C LEU A 388 0.06 6.13 1.11
N GLN A 389 1.39 6.07 1.11
CA GLN A 389 2.08 4.77 0.95
C GLN A 389 2.98 4.48 2.17
N LYS A 390 3.71 5.46 2.70
CA LYS A 390 4.77 5.20 3.71
C LYS A 390 4.08 5.11 5.09
N LEU A 391 3.20 4.15 5.23
CA LEU A 391 2.35 3.91 6.41
C LEU A 391 2.14 2.40 6.49
N THR A 392 2.14 1.86 7.71
CA THR A 392 1.89 0.42 7.95
C THR A 392 0.89 0.27 9.09
N ARG A 393 0.39 -0.95 9.23
CA ARG A 393 -0.62 -1.35 10.23
C ARG A 393 0.03 -1.26 11.63
N ASP A 394 1.35 -1.23 11.69
CA ASP A 394 2.17 -1.12 12.93
C ASP A 394 2.13 0.32 13.49
N LEU A 395 1.89 1.31 12.64
CA LEU A 395 2.04 2.71 13.10
C LEU A 395 1.07 3.02 14.25
N LEU A 396 -0.19 2.61 14.16
CA LEU A 396 -1.19 2.78 15.25
C LEU A 396 -1.48 1.43 15.93
N ASN A 397 -0.72 0.36 15.62
CA ASN A 397 -0.95 -1.01 16.19
C ASN A 397 -2.42 -1.39 16.00
N CYS A 398 -2.91 -1.24 14.77
CA CYS A 398 -4.26 -1.70 14.39
C CYS A 398 -4.34 -3.22 14.49
N SER A 399 -5.31 -3.74 15.23
CA SER A 399 -5.30 -5.14 15.68
C SER A 399 -6.71 -5.62 16.01
N PHE A 400 -7.02 -6.85 15.59
CA PHE A 400 -8.33 -7.53 15.76
C PHE A 400 -8.04 -8.76 16.60
N LYS A 401 -8.79 -8.93 17.68
CA LYS A 401 -8.61 -10.03 18.66
C LYS A 401 -9.96 -10.53 19.19
N CYS A 402 -10.02 -11.84 19.44
CA CYS A 402 -11.16 -12.48 20.13
C CYS A 402 -11.09 -12.10 21.61
N SER A 403 -12.20 -11.60 22.16
CA SER A 403 -12.25 -11.24 23.62
C SER A 403 -13.34 -12.02 24.38
N TYR A 404 -14.19 -12.78 23.71
CA TYR A 404 -15.34 -13.46 24.39
C TYR A 404 -15.79 -14.63 23.54
N VAL A 405 -16.00 -15.78 24.17
CA VAL A 405 -16.60 -16.96 23.52
C VAL A 405 -17.68 -17.50 24.42
N VAL A 406 -18.65 -18.16 23.81
CA VAL A 406 -19.62 -18.99 24.58
C VAL A 406 -19.40 -20.45 24.18
N THR A 407 -19.11 -21.29 25.17
CA THR A 407 -18.78 -22.73 25.01
C THR A 407 -19.63 -23.49 26.05
N ASN A 408 -20.37 -24.49 25.62
CA ASN A 408 -21.38 -25.19 26.46
C ASN A 408 -22.30 -24.20 27.16
N GLY A 409 -22.73 -23.15 26.45
CA GLY A 409 -23.69 -22.14 26.96
C GLY A 409 -23.10 -21.20 28.01
N LEU A 410 -21.80 -21.27 28.32
CA LEU A 410 -21.15 -20.41 29.35
C LEU A 410 -20.19 -19.43 28.66
N GLY A 411 -20.35 -18.14 28.92
CA GLY A 411 -19.47 -17.11 28.32
C GLY A 411 -18.14 -17.14 29.06
N ILE A 412 -17.01 -17.01 28.36
CA ILE A 412 -15.69 -16.87 29.01
C ILE A 412 -14.95 -15.69 28.38
N ASN A 413 -14.28 -14.96 29.26
CA ASN A 413 -13.49 -13.77 28.84
CA ASN A 413 -13.38 -13.81 28.97
C ASN A 413 -12.16 -14.38 28.32
N VAL A 414 -11.78 -14.00 27.12
CA VAL A 414 -10.53 -14.54 26.55
C VAL A 414 -9.63 -13.40 26.09
N PHE A 415 -8.36 -13.71 25.96
CA PHE A 415 -7.32 -12.66 25.77
C PHE A 415 -5.97 -13.38 25.60
N LYS A 416 -5.05 -12.63 25.02
CA LYS A 416 -3.61 -12.93 24.97
C LYS A 416 -2.88 -12.00 25.92
N ASP A 417 -1.73 -12.46 26.41
CA ASP A 417 -0.90 -11.63 27.30
C ASP A 417 0.53 -12.16 27.25
N PRO A 418 1.26 -11.96 26.13
CA PRO A 418 2.59 -12.53 25.91
C PRO A 418 3.55 -11.99 26.96
N VAL A 419 4.21 -12.90 27.66
CA VAL A 419 5.18 -12.62 28.76
C VAL A 419 6.20 -11.54 28.31
N ALA A 420 6.73 -11.57 27.08
CA ALA A 420 7.83 -10.68 26.68
C ALA A 420 7.29 -9.40 26.07
N ASP A 421 5.96 -9.18 25.94
CA ASP A 421 5.46 -7.92 25.36
C ASP A 421 4.07 -7.57 25.90
N PRO A 422 4.01 -6.91 27.08
CA PRO A 422 2.79 -6.40 27.69
C PRO A 422 1.97 -5.51 26.76
N ASN A 423 2.62 -4.82 25.84
CA ASN A 423 1.89 -3.95 24.89
C ASN A 423 0.95 -4.78 24.04
N LYS A 424 1.17 -6.10 23.91
CA LYS A 424 0.28 -6.94 23.03
C LYS A 424 -0.83 -7.62 23.85
N ARG A 425 -0.89 -7.37 25.16
CA ARG A 425 -2.04 -7.82 25.97
C ARG A 425 -3.35 -7.35 25.30
N SER A 426 -4.35 -8.19 25.24
CA SER A 426 -5.65 -7.84 24.59
C SER A 426 -6.73 -7.72 25.66
N LYS A 427 -7.86 -7.13 25.32
CA LYS A 427 -8.96 -6.84 26.26
C LYS A 427 -9.78 -8.11 26.52
N LYS A 428 -10.50 -8.14 27.63
CA LYS A 428 -11.26 -9.33 28.08
C LYS A 428 -12.76 -9.06 28.01
N GLY A 429 -13.48 -9.99 27.42
CA GLY A 429 -14.94 -10.07 27.50
C GLY A 429 -15.66 -9.13 26.57
N ARG A 430 -16.94 -8.94 26.83
CA ARG A 430 -17.81 -8.06 26.02
C ARG A 430 -17.45 -6.60 26.34
N LEU A 431 -17.28 -5.83 25.29
CA LEU A 431 -16.72 -4.47 25.34
C LEU A 431 -17.80 -3.44 25.02
N SER A 432 -17.60 -2.24 25.52
CA SER A 432 -18.41 -1.06 25.16
C SER A 432 -17.56 0.19 25.34
N LEU A 433 -17.84 1.21 24.57
CA LEU A 433 -17.13 2.51 24.53
C LEU A 433 -18.03 3.59 25.14
N HIS A 434 -17.52 4.35 26.12
CA HIS A 434 -18.34 5.36 26.84
C HIS A 434 -17.59 6.68 26.95
N ARG A 435 -18.32 7.77 27.12
CA ARG A 435 -17.77 9.08 27.56
C ARG A 435 -17.50 9.00 29.04
N THR A 436 -16.41 9.56 29.50
CA THR A 436 -16.11 9.64 30.95
C THR A 436 -16.79 10.89 31.49
N PRO A 437 -16.97 11.04 32.82
CA PRO A 437 -17.51 12.27 33.40
C PRO A 437 -16.70 13.50 32.97
N ALA A 438 -15.40 13.39 32.70
CA ALA A 438 -14.59 14.53 32.26
C ALA A 438 -14.63 14.68 30.75
N GLY A 439 -15.40 13.86 30.02
CA GLY A 439 -15.54 14.00 28.54
C GLY A 439 -14.46 13.28 27.74
N ASN A 440 -13.79 12.29 28.33
CA ASN A 440 -12.75 11.51 27.60
C ASN A 440 -13.49 10.23 27.19
N PHE A 441 -12.76 9.21 26.88
CA PHE A 441 -13.35 7.92 26.43
C PHE A 441 -12.83 6.81 27.32
N VAL A 442 -13.68 5.83 27.56
CA VAL A 442 -13.23 4.61 28.26
C VAL A 442 -13.87 3.40 27.59
N THR A 443 -13.06 2.37 27.40
CA THR A 443 -13.53 1.03 26.97
C THR A 443 -13.76 0.15 28.21
N LEU A 444 -15.02 -0.19 28.49
CA LEU A 444 -15.37 -1.11 29.59
C LEU A 444 -15.28 -2.55 29.11
N GLU A 445 -14.71 -3.39 29.96
CA GLU A 445 -14.45 -4.80 29.66
C GLU A 445 -15.37 -5.67 30.50
N GLU A 446 -15.40 -6.98 30.15
CA GLU A 446 -16.06 -8.03 30.96
CA GLU A 446 -16.06 -8.03 30.96
C GLU A 446 -17.56 -7.74 31.06
N GLY A 447 -18.13 -7.05 30.07
CA GLY A 447 -19.58 -6.80 30.02
C GLY A 447 -20.02 -5.77 31.07
N LYS A 448 -19.07 -5.03 31.64
CA LYS A 448 -19.38 -4.03 32.71
C LYS A 448 -20.18 -2.83 32.17
N GLY A 449 -20.20 -2.57 30.86
CA GLY A 449 -21.13 -1.60 30.25
C GLY A 449 -22.59 -1.85 30.65
N ASP A 450 -22.98 -3.09 30.89
CA ASP A 450 -24.35 -3.51 31.27
C ASP A 450 -24.74 -2.95 32.64
N LEU A 451 -23.78 -2.62 33.49
CA LEU A 451 -24.06 -1.92 34.75
C LEU A 451 -24.61 -0.50 34.53
N GLU A 452 -24.42 0.11 33.36
CA GLU A 452 -24.96 1.45 32.99
C GLU A 452 -24.55 2.48 34.04
N GLU A 453 -23.29 2.43 34.49
CA GLU A 453 -22.69 3.43 35.42
C GLU A 453 -22.14 4.57 34.56
N TYR A 454 -22.08 4.37 33.26
CA TYR A 454 -21.65 5.38 32.29
C TYR A 454 -22.86 5.64 31.38
N GLY A 455 -22.82 6.63 30.52
CA GLY A 455 -23.94 6.84 29.58
C GLY A 455 -23.98 5.70 28.55
N GLN A 456 -24.62 5.97 27.43
CA GLN A 456 -24.86 5.01 26.34
C GLN A 456 -23.51 4.52 25.78
N ASP A 457 -23.49 3.26 25.36
CA ASP A 457 -22.43 2.71 24.50
C ASP A 457 -22.38 3.57 23.23
N LEU A 458 -21.20 3.99 22.81
CA LEU A 458 -20.98 4.78 21.58
C LEU A 458 -20.89 3.87 20.35
N LEU A 459 -20.76 2.55 20.51
CA LEU A 459 -20.72 1.62 19.35
C LEU A 459 -22.16 1.43 18.90
N HIS A 460 -22.41 1.57 17.64
CA HIS A 460 -23.76 1.40 17.05
C HIS A 460 -23.71 0.24 16.08
N THR A 461 -24.77 -0.52 15.94
CA THR A 461 -24.85 -1.60 14.93
C THR A 461 -24.82 -1.00 13.53
N VAL A 462 -23.83 -1.35 12.72
CA VAL A 462 -23.65 -0.83 11.34
C VAL A 462 -23.87 -1.94 10.32
N PHE A 463 -23.82 -3.19 10.75
CA PHE A 463 -24.05 -4.35 9.87
C PHE A 463 -24.71 -5.45 10.66
N LYS A 464 -25.77 -6.05 10.10
CA LYS A 464 -26.41 -7.19 10.77
C LYS A 464 -27.01 -8.08 9.71
N ASN A 465 -26.63 -9.34 9.71
CA ASN A 465 -27.31 -10.39 8.91
C ASN A 465 -27.34 -9.96 7.43
N GLY A 466 -26.21 -9.45 6.90
CA GLY A 466 -26.06 -9.15 5.46
C GLY A 466 -26.54 -7.76 5.05
N LYS A 467 -26.95 -6.93 5.98
CA LYS A 467 -27.52 -5.59 5.67
C LYS A 467 -26.69 -4.53 6.35
N VAL A 468 -26.49 -3.42 5.66
CA VAL A 468 -25.88 -2.20 6.27
C VAL A 468 -26.99 -1.46 7.01
N THR A 469 -26.86 -1.32 8.33
CA THR A 469 -27.99 -0.87 9.17
C THR A 469 -27.87 0.60 9.52
N LYS A 470 -26.70 1.18 9.36
CA LYS A 470 -26.44 2.60 9.69
C LYS A 470 -25.29 3.07 8.83
N SER A 471 -25.48 4.22 8.19
CA SER A 471 -24.55 4.87 7.23
C SER A 471 -24.28 6.31 7.65
N TYR A 472 -23.14 6.81 7.24
CA TYR A 472 -22.71 8.21 7.47
C TYR A 472 -22.44 8.83 6.12
N SER A 473 -22.81 10.08 5.94
CA SER A 473 -22.37 10.87 4.76
C SER A 473 -20.91 11.32 4.98
N PHE A 474 -20.27 11.69 3.88
CA PHE A 474 -18.89 12.19 3.95
C PHE A 474 -18.91 13.52 4.71
N ASP A 475 -20.02 14.26 4.61
CA ASP A 475 -20.14 15.57 5.30
C ASP A 475 -20.20 15.36 6.82
N GLU A 476 -20.93 14.37 7.32
CA GLU A 476 -20.95 14.05 8.76
C GLU A 476 -19.55 13.65 9.24
N ILE A 477 -18.90 12.81 8.44
CA ILE A 477 -17.53 12.32 8.77
C ILE A 477 -16.55 13.51 8.91
N ARG A 478 -16.55 14.44 7.95
CA ARG A 478 -15.67 15.64 8.02
C ARG A 478 -16.00 16.42 9.30
N LYS A 479 -17.28 16.56 9.64
CA LYS A 479 -17.67 17.34 10.84
C LYS A 479 -17.15 16.61 12.09
N ASN A 480 -17.21 15.28 12.14
CA ASN A 480 -16.78 14.53 13.35
C ASN A 480 -15.24 14.64 13.49
N ALA A 481 -14.53 14.76 12.36
CA ALA A 481 -13.05 14.72 12.35
C ALA A 481 -12.43 16.12 12.45
N GLN A 482 -13.23 17.14 12.66
CA GLN A 482 -12.72 18.54 12.80
C GLN A 482 -11.67 18.67 13.88
N LEU A 483 -10.77 19.61 13.71
CA LEU A 483 -9.83 20.02 14.79
C LEU A 483 -10.62 20.76 15.89
N ASN A 484 -10.13 20.75 17.13
CA ASN A 484 -10.69 21.58 18.24
C ASN A 484 -10.80 23.09 17.96
N ILE A 485 -9.80 23.80 17.42
CA ILE A 485 -9.76 25.31 17.52
C ILE A 485 -11.09 25.88 16.97
N PHE B 10 -14.32 0.84 -14.22
CA PHE B 10 -13.03 1.56 -14.35
C PHE B 10 -13.10 2.44 -15.59
N ASN B 11 -12.58 3.66 -15.44
CA ASN B 11 -12.57 4.69 -16.49
C ASN B 11 -11.16 5.27 -16.59
N ILE B 12 -10.43 4.94 -17.63
CA ILE B 12 -9.05 5.43 -17.82
C ILE B 12 -9.00 6.98 -17.88
N LEU B 13 -10.09 7.66 -18.26
CA LEU B 13 -10.17 9.15 -18.29
C LEU B 13 -10.12 9.69 -16.86
N LEU B 14 -10.39 8.85 -15.84
CA LEU B 14 -10.43 9.28 -14.42
C LEU B 14 -9.27 8.63 -13.66
N ALA B 15 -8.33 8.00 -14.35
CA ALA B 15 -7.25 7.23 -13.69
C ALA B 15 -5.88 7.88 -13.95
N THR B 16 -5.82 9.20 -13.85
CA THR B 16 -4.58 9.98 -13.98
C THR B 16 -4.53 11.02 -12.85
N ASP B 17 -3.36 11.56 -12.59
CA ASP B 17 -3.22 12.77 -11.77
C ASP B 17 -4.05 13.92 -12.40
N SER B 18 -4.78 14.66 -11.57
CA SER B 18 -5.58 15.80 -12.05
C SER B 18 -4.76 16.67 -13.01
N TYR B 19 -3.53 17.05 -12.64
CA TYR B 19 -2.82 18.11 -13.43
C TYR B 19 -2.56 17.62 -14.86
N LYS B 20 -2.52 16.31 -15.11
CA LYS B 20 -2.30 15.74 -16.46
C LYS B 20 -3.51 16.02 -17.35
N VAL B 21 -4.68 16.27 -16.78
CA VAL B 21 -5.86 16.71 -17.56
C VAL B 21 -5.52 18.02 -18.33
N THR B 22 -4.63 18.84 -17.78
CA THR B 22 -4.28 20.18 -18.32
C THR B 22 -3.02 20.17 -19.17
N HIS B 23 -2.33 19.03 -19.31
CA HIS B 23 -1.01 19.03 -19.99
C HIS B 23 -1.15 19.25 -21.51
N TYR B 24 -2.27 18.90 -22.13
CA TYR B 24 -2.41 19.01 -23.59
C TYR B 24 -2.31 20.48 -23.99
N LYS B 25 -2.54 21.41 -23.07
CA LYS B 25 -2.45 22.86 -23.35
C LYS B 25 -1.04 23.41 -23.09
N GLN B 26 -0.04 22.59 -22.75
CA GLN B 26 1.25 23.08 -22.14
C GLN B 26 2.43 22.65 -23.00
N TYR B 27 2.29 21.58 -23.78
CA TYR B 27 3.39 21.09 -24.66
C TYR B 27 3.61 22.17 -25.72
N PRO B 28 4.80 22.22 -26.35
CA PRO B 28 5.01 23.13 -27.49
C PRO B 28 4.00 22.90 -28.60
N PRO B 29 3.51 23.97 -29.27
CA PRO B 29 2.67 23.85 -30.47
C PRO B 29 3.27 22.90 -31.51
N ASN B 30 2.44 22.08 -32.17
CA ASN B 30 2.88 21.20 -33.30
C ASN B 30 3.84 20.13 -32.81
N THR B 31 3.57 19.61 -31.61
CA THR B 31 4.25 18.41 -31.05
C THR B 31 3.48 17.18 -31.53
N SER B 32 4.13 16.27 -32.25
CA SER B 32 3.55 15.09 -32.93
C SER B 32 3.90 13.83 -32.15
N LYS B 33 4.91 13.91 -31.29
CA LYS B 33 5.45 12.73 -30.59
C LYS B 33 5.92 13.14 -29.19
N VAL B 34 5.50 12.35 -28.22
CA VAL B 34 6.07 12.36 -26.86
C VAL B 34 6.46 10.91 -26.54
N TYR B 35 7.72 10.76 -26.22
CA TYR B 35 8.37 9.46 -25.98
C TYR B 35 8.92 9.50 -24.56
N SER B 36 8.50 8.54 -23.75
CA SER B 36 8.85 8.53 -22.31
C SER B 36 9.35 7.15 -21.89
N TYR B 37 10.03 7.08 -20.76
CA TYR B 37 10.65 5.81 -20.30
C TYR B 37 10.57 5.68 -18.79
N PHE B 38 10.67 4.43 -18.34
CA PHE B 38 10.69 4.04 -16.93
C PHE B 38 12.04 3.44 -16.61
N GLU B 39 12.60 3.86 -15.47
CA GLU B 39 13.79 3.21 -14.91
C GLU B 39 13.66 3.14 -13.39
N CYS B 40 14.52 2.37 -12.79
CA CYS B 40 14.79 2.35 -11.32
C CYS B 40 16.09 3.13 -11.16
N ARG B 41 16.00 4.46 -11.00
CA ARG B 41 17.18 5.33 -11.10
C ARG B 41 18.27 4.87 -10.13
N GLU B 42 19.49 5.02 -10.58
CA GLU B 42 20.67 4.67 -9.79
C GLU B 42 20.84 5.78 -8.75
N LYS B 43 21.33 5.46 -7.55
CA LYS B 43 22.02 6.48 -6.70
C LYS B 43 23.32 6.95 -7.39
N LYS B 54 21.10 -2.25 0.17
CA LYS B 54 21.57 -1.86 -1.19
C LYS B 54 20.95 -2.78 -2.24
N TYR B 55 20.21 -2.21 -3.16
CA TYR B 55 19.36 -2.91 -4.15
C TYR B 55 19.92 -2.60 -5.56
N GLU B 56 21.00 -3.26 -5.93
CA GLU B 56 21.75 -2.93 -7.17
C GLU B 56 21.00 -3.44 -8.40
N GLU B 57 20.14 -4.46 -8.25
CA GLU B 57 19.46 -5.08 -9.42
C GLU B 57 18.00 -5.29 -9.08
N THR B 58 17.12 -5.11 -10.05
CA THR B 58 15.66 -5.13 -9.86
C THR B 58 15.06 -6.26 -10.70
N VAL B 59 14.01 -6.88 -10.19
CA VAL B 59 13.22 -7.84 -10.95
C VAL B 59 12.15 -7.00 -11.66
N PHE B 60 12.10 -7.02 -12.98
CA PHE B 60 11.00 -6.37 -13.72
C PHE B 60 9.77 -7.26 -13.72
N TYR B 61 8.70 -6.86 -13.05
CA TYR B 61 7.49 -7.71 -12.96
C TYR B 61 6.31 -6.76 -12.79
N GLY B 62 5.23 -7.05 -13.49
CA GLY B 62 3.89 -6.50 -13.13
C GLY B 62 3.27 -5.69 -14.24
N LEU B 63 4.01 -5.38 -15.29
CA LEU B 63 3.46 -4.52 -16.37
C LEU B 63 2.30 -5.25 -17.06
N GLN B 64 2.46 -6.55 -17.31
CA GLN B 64 1.51 -7.38 -18.04
C GLN B 64 0.14 -7.27 -17.35
N TYR B 65 0.10 -7.31 -16.02
CA TYR B 65 -1.18 -7.12 -15.27
C TYR B 65 -1.86 -5.81 -15.70
N ILE B 66 -1.08 -4.71 -15.72
CA ILE B 66 -1.61 -3.36 -16.00
C ILE B 66 -2.09 -3.34 -17.44
N LEU B 67 -1.29 -3.88 -18.37
CA LEU B 67 -1.64 -3.84 -19.82
C LEU B 67 -3.00 -4.51 -20.01
N ASN B 68 -3.17 -5.70 -19.45
CA ASN B 68 -4.41 -6.50 -19.62
C ASN B 68 -5.55 -5.87 -18.84
N LYS B 69 -5.36 -5.50 -17.57
CA LYS B 69 -6.54 -5.13 -16.77
C LYS B 69 -7.02 -3.75 -17.17
N TYR B 70 -6.14 -2.83 -17.53
CA TYR B 70 -6.51 -1.39 -17.64
C TYR B 70 -6.33 -0.79 -19.04
N LEU B 71 -5.39 -1.25 -19.86
CA LEU B 71 -4.99 -0.48 -21.07
C LEU B 71 -5.51 -1.13 -22.35
N LYS B 72 -5.77 -2.44 -22.41
CA LYS B 72 -6.02 -3.05 -23.74
C LYS B 72 -7.50 -2.93 -24.12
N GLY B 73 -7.75 -2.96 -25.42
CA GLY B 73 -9.12 -3.06 -25.99
C GLY B 73 -9.85 -1.74 -25.92
N LYS B 74 -11.18 -1.75 -25.99
CA LYS B 74 -11.98 -0.50 -26.04
C LYS B 74 -12.05 0.08 -24.61
N VAL B 75 -11.23 1.08 -24.32
CA VAL B 75 -11.15 1.68 -22.96
C VAL B 75 -11.83 3.05 -22.99
N VAL B 76 -12.27 3.52 -24.15
CA VAL B 76 -12.95 4.83 -24.23
C VAL B 76 -14.35 4.57 -24.77
N THR B 77 -15.36 5.14 -24.14
CA THR B 77 -16.76 5.15 -24.62
C THR B 77 -17.31 6.56 -24.52
N LYS B 78 -18.40 6.80 -25.25
CA LYS B 78 -19.18 8.06 -25.15
C LYS B 78 -19.41 8.34 -23.65
N GLU B 79 -19.91 7.35 -22.92
CA GLU B 79 -20.36 7.46 -21.51
C GLU B 79 -19.16 7.79 -20.63
N LYS B 80 -18.01 7.18 -20.89
CA LYS B 80 -16.80 7.49 -20.07
C LYS B 80 -16.30 8.92 -20.34
N ILE B 81 -16.40 9.37 -21.57
CA ILE B 81 -16.04 10.77 -21.89
C ILE B 81 -16.97 11.75 -21.13
N GLN B 82 -18.28 11.52 -21.17
CA GLN B 82 -19.27 12.41 -20.52
C GLN B 82 -19.08 12.40 -19.00
N GLU B 83 -18.90 11.23 -18.38
CA GLU B 83 -18.62 11.09 -16.94
C GLU B 83 -17.41 12.02 -16.63
N ALA B 84 -16.27 11.81 -17.34
CA ALA B 84 -15.01 12.52 -17.05
C ALA B 84 -15.25 14.01 -17.19
N LYS B 85 -15.94 14.43 -18.26
CA LYS B 85 -16.22 15.85 -18.49
C LYS B 85 -16.94 16.44 -17.30
N ASP B 86 -17.97 15.74 -16.81
CA ASP B 86 -18.85 16.22 -15.72
C ASP B 86 -18.03 16.30 -14.44
N VAL B 87 -17.18 15.29 -14.16
CA VAL B 87 -16.35 15.29 -12.91
C VAL B 87 -15.35 16.45 -12.98
N TYR B 88 -14.64 16.63 -14.10
CA TYR B 88 -13.52 17.59 -14.20
C TYR B 88 -14.05 19.03 -14.15
N LYS B 89 -15.22 19.24 -14.69
CA LYS B 89 -15.88 20.57 -14.64
C LYS B 89 -16.00 21.02 -13.17
N GLU B 90 -16.41 20.11 -12.30
CA GLU B 90 -16.57 20.42 -10.84
C GLU B 90 -15.21 20.42 -10.15
N HIS B 91 -14.34 19.48 -10.47
CA HIS B 91 -13.02 19.28 -9.79
C HIS B 91 -12.14 20.54 -10.02
N PHE B 92 -12.13 21.06 -11.22
CA PHE B 92 -11.30 22.23 -11.64
C PHE B 92 -12.08 23.55 -11.55
N GLN B 93 -13.40 23.46 -11.37
CA GLN B 93 -14.27 24.66 -11.37
C GLN B 93 -14.04 25.37 -12.71
N ASP B 94 -13.97 24.60 -13.80
CA ASP B 94 -13.53 25.13 -15.11
C ASP B 94 -13.61 23.99 -16.13
N ASP B 95 -13.73 24.33 -17.42
CA ASP B 95 -13.87 23.35 -18.53
C ASP B 95 -12.52 23.28 -19.23
N VAL B 96 -11.59 22.52 -18.67
CA VAL B 96 -10.21 22.31 -19.19
C VAL B 96 -10.02 20.87 -19.73
N PHE B 97 -10.95 19.96 -19.52
CA PHE B 97 -10.88 18.58 -20.06
C PHE B 97 -10.86 18.50 -21.59
N ASN B 98 -9.92 17.74 -22.15
CA ASN B 98 -9.71 17.53 -23.61
C ASN B 98 -10.76 16.56 -24.20
N GLU B 99 -12.01 16.99 -24.25
CA GLU B 99 -13.12 16.15 -24.77
C GLU B 99 -12.84 15.77 -26.24
N LYS B 100 -12.39 16.72 -27.06
CA LYS B 100 -12.13 16.50 -28.50
C LYS B 100 -11.05 15.43 -28.66
N GLY B 101 -9.97 15.52 -27.88
CA GLY B 101 -8.85 14.56 -28.01
C GLY B 101 -9.30 13.13 -27.74
N TRP B 102 -10.09 12.94 -26.70
CA TRP B 102 -10.66 11.62 -26.31
C TRP B 102 -11.70 11.19 -27.35
N ASN B 103 -12.49 12.10 -27.84
CA ASN B 103 -13.48 11.80 -28.91
C ASN B 103 -12.78 11.28 -30.17
N TYR B 104 -11.65 11.89 -30.54
CA TYR B 104 -10.76 11.43 -31.64
C TYR B 104 -10.42 9.94 -31.48
N ILE B 105 -9.95 9.53 -30.31
CA ILE B 105 -9.61 8.11 -30.04
C ILE B 105 -10.85 7.22 -30.24
N LEU B 106 -11.95 7.61 -29.66
CA LEU B 106 -13.23 6.85 -29.78
C LEU B 106 -13.60 6.68 -31.27
N GLU B 107 -13.58 7.73 -32.06
CA GLU B 107 -14.08 7.71 -33.47
C GLU B 107 -13.07 7.03 -34.40
N LYS B 108 -11.78 7.32 -34.26
CA LYS B 108 -10.74 6.83 -35.17
C LYS B 108 -10.35 5.37 -34.86
N TYR B 109 -10.21 4.99 -33.58
CA TYR B 109 -9.60 3.70 -33.19
C TYR B 109 -10.62 2.86 -32.39
N ASP B 110 -11.91 3.17 -32.45
CA ASP B 110 -12.93 2.48 -31.63
C ASP B 110 -12.45 2.40 -30.17
N GLY B 111 -11.87 3.51 -29.69
CA GLY B 111 -11.53 3.67 -28.27
C GLY B 111 -10.34 2.84 -27.86
N HIS B 112 -9.53 2.36 -28.82
CA HIS B 112 -8.25 1.63 -28.54
C HIS B 112 -7.14 2.68 -28.48
N LEU B 113 -6.26 2.61 -27.50
CA LEU B 113 -5.19 3.62 -27.29
C LEU B 113 -4.12 3.51 -28.36
N PRO B 114 -3.88 4.58 -29.14
CA PRO B 114 -2.77 4.60 -30.10
C PRO B 114 -1.42 4.90 -29.42
N ILE B 115 -0.95 3.88 -28.74
CA ILE B 115 0.27 3.84 -27.89
C ILE B 115 1.09 2.60 -28.26
N GLU B 116 2.41 2.73 -28.27
CA GLU B 116 3.34 1.58 -28.36
C GLU B 116 4.22 1.55 -27.10
N ILE B 117 4.18 0.41 -26.42
CA ILE B 117 5.03 0.16 -25.22
C ILE B 117 6.01 -0.95 -25.58
N LYS B 118 7.29 -0.72 -25.31
CA LYS B 118 8.36 -1.72 -25.42
C LYS B 118 8.91 -1.98 -24.03
N ALA B 119 9.22 -3.22 -23.70
CA ALA B 119 9.65 -3.58 -22.33
C ALA B 119 10.64 -4.73 -22.32
N VAL B 120 11.46 -4.74 -21.23
CA VAL B 120 12.37 -5.87 -20.96
C VAL B 120 11.43 -7.02 -20.56
N PRO B 121 11.77 -8.29 -20.84
CA PRO B 121 10.91 -9.40 -20.45
C PRO B 121 10.68 -9.45 -18.94
N GLU B 122 9.48 -9.84 -18.57
CA GLU B 122 9.14 -9.99 -17.16
C GLU B 122 10.00 -11.09 -16.52
N GLY B 123 10.37 -10.85 -15.27
CA GLY B 123 11.27 -11.69 -14.48
C GLY B 123 12.73 -11.35 -14.72
N PHE B 124 13.05 -10.56 -15.76
CA PHE B 124 14.43 -10.12 -16.02
C PHE B 124 14.96 -9.42 -14.75
N VAL B 125 16.21 -9.68 -14.45
CA VAL B 125 16.95 -9.08 -13.32
C VAL B 125 17.97 -8.12 -13.92
N ILE B 126 17.75 -6.82 -13.73
CA ILE B 126 18.44 -5.75 -14.46
C ILE B 126 19.07 -4.81 -13.44
N PRO B 127 20.33 -4.40 -13.61
CA PRO B 127 20.90 -3.36 -12.76
C PRO B 127 20.14 -2.04 -12.80
N ARG B 128 20.24 -1.33 -11.69
CA ARG B 128 19.71 0.05 -11.57
C ARG B 128 20.19 0.89 -12.76
N GLY B 129 19.36 1.83 -13.17
CA GLY B 129 19.71 2.92 -14.09
C GLY B 129 19.59 2.49 -15.51
N ASN B 130 18.81 1.45 -15.79
CA ASN B 130 18.56 0.96 -17.16
C ASN B 130 17.12 1.20 -17.55
N VAL B 131 16.90 1.47 -18.84
CA VAL B 131 15.54 1.53 -19.39
C VAL B 131 14.87 0.17 -19.17
N LEU B 132 13.65 0.18 -18.61
CA LEU B 132 12.85 -1.05 -18.39
C LEU B 132 11.63 -1.08 -19.34
N PHE B 133 11.03 0.08 -19.61
CA PHE B 133 9.98 0.18 -20.65
C PHE B 133 9.95 1.59 -21.20
N THR B 134 9.49 1.69 -22.43
CA THR B 134 9.29 2.95 -23.15
C THR B 134 7.84 3.02 -23.63
N VAL B 135 7.35 4.23 -23.74
CA VAL B 135 5.95 4.55 -24.17
C VAL B 135 6.02 5.65 -25.23
N GLU B 136 5.25 5.54 -26.31
CA GLU B 136 5.13 6.65 -27.29
C GLU B 136 3.77 6.55 -27.98
N ASN B 137 3.25 7.69 -28.41
CA ASN B 137 2.02 7.76 -29.21
C ASN B 137 2.30 7.30 -30.64
N THR B 138 1.33 6.64 -31.27
CA THR B 138 1.47 6.14 -32.66
C THR B 138 0.69 7.03 -33.63
N ASP B 139 -0.07 7.99 -33.11
CA ASP B 139 -0.84 8.97 -33.90
C ASP B 139 -0.40 10.35 -33.44
N PRO B 140 -0.04 11.27 -34.37
CA PRO B 140 0.43 12.60 -33.97
C PRO B 140 -0.60 13.44 -33.17
N GLU B 141 -1.89 13.20 -33.38
CA GLU B 141 -2.96 13.87 -32.61
C GLU B 141 -2.88 13.47 -31.12
N CYS B 142 -2.29 12.32 -30.83
CA CYS B 142 -2.35 11.73 -29.48
C CYS B 142 -1.00 11.92 -28.76
N TYR B 143 -0.25 12.98 -29.07
CA TYR B 143 1.01 13.35 -28.36
C TYR B 143 0.78 13.43 -26.85
N TRP B 144 -0.42 13.81 -26.42
CA TRP B 144 -0.77 14.11 -25.01
C TRP B 144 -1.03 12.81 -24.26
N LEU B 145 -1.20 11.70 -24.98
CA LEU B 145 -1.69 10.43 -24.36
C LEU B 145 -0.51 9.73 -23.68
N THR B 146 0.71 9.91 -24.18
CA THR B 146 1.90 9.20 -23.63
C THR B 146 1.98 9.47 -22.13
N ASN B 147 1.90 10.73 -21.72
CA ASN B 147 2.11 11.04 -20.28
C ASN B 147 0.79 11.02 -19.49
N TRP B 148 -0.34 11.02 -20.14
CA TRP B 148 -1.64 10.77 -19.45
C TRP B 148 -1.53 9.47 -18.65
N ILE B 149 -0.93 8.44 -19.26
CA ILE B 149 -0.92 7.07 -18.69
C ILE B 149 0.32 6.86 -17.81
N GLU B 150 1.09 7.91 -17.55
CA GLU B 150 2.25 7.78 -16.62
C GLU B 150 1.73 7.23 -15.28
N THR B 151 0.68 7.82 -14.74
CA THR B 151 0.26 7.51 -13.33
C THR B 151 -0.04 6.01 -13.17
N ILE B 152 -0.82 5.46 -14.09
CA ILE B 152 -1.19 4.01 -14.07
C ILE B 152 0.05 3.13 -14.27
N LEU B 153 0.94 3.47 -15.18
CA LEU B 153 2.12 2.63 -15.52
C LEU B 153 3.14 2.71 -14.39
N VAL B 154 3.24 3.83 -13.70
CA VAL B 154 4.23 4.04 -12.62
C VAL B 154 3.89 3.17 -11.41
N GLN B 155 2.61 2.79 -11.26
CA GLN B 155 2.23 1.81 -10.17
C GLN B 155 2.92 0.46 -10.37
N SER B 156 3.52 0.19 -11.53
CA SER B 156 4.41 -0.99 -11.71
C SER B 156 5.57 -0.96 -10.69
N TRP B 157 5.85 0.17 -10.05
CA TRP B 157 6.87 0.27 -8.98
C TRP B 157 6.60 -0.81 -7.93
N TYR B 158 5.34 -1.06 -7.64
CA TYR B 158 4.94 -1.87 -6.46
C TYR B 158 5.30 -3.34 -6.72
N PRO B 159 4.80 -4.01 -7.76
CA PRO B 159 5.22 -5.40 -8.04
C PRO B 159 6.73 -5.49 -8.32
N ILE B 160 7.34 -4.49 -8.95
CA ILE B 160 8.84 -4.54 -9.13
C ILE B 160 9.48 -4.61 -7.75
N THR B 161 9.05 -3.73 -6.86
CA THR B 161 9.77 -3.54 -5.59
C THR B 161 9.50 -4.75 -4.69
N VAL B 162 8.27 -5.23 -4.66
CA VAL B 162 7.96 -6.42 -3.83
C VAL B 162 8.80 -7.61 -4.33
N ALA B 163 8.80 -7.86 -5.65
CA ALA B 163 9.57 -8.98 -6.24
C ALA B 163 11.06 -8.83 -5.93
N THR B 164 11.61 -7.61 -6.05
CA THR B 164 13.05 -7.32 -5.86
C THR B 164 13.40 -7.57 -4.36
N ASN B 165 12.62 -7.00 -3.45
CA ASN B 165 12.92 -7.10 -2.00
C ASN B 165 12.74 -8.57 -1.55
N SER B 166 11.76 -9.26 -2.07
CA SER B 166 11.55 -10.72 -1.78
C SER B 166 12.76 -11.54 -2.31
N ARG B 167 13.28 -11.21 -3.49
CA ARG B 167 14.46 -11.88 -4.10
C ARG B 167 15.71 -11.59 -3.27
N GLU B 168 15.85 -10.36 -2.77
CA GLU B 168 17.03 -10.01 -1.93
C GLU B 168 16.97 -10.84 -0.64
N GLN B 169 15.80 -11.10 -0.12
CA GLN B 169 15.68 -11.95 1.10
C GLN B 169 16.00 -13.42 0.74
N LYS B 170 15.61 -13.85 -0.43
CA LYS B 170 15.94 -15.22 -0.91
C LYS B 170 17.45 -15.39 -0.96
N LYS B 171 18.19 -14.37 -1.36
CA LYS B 171 19.67 -14.46 -1.51
C LYS B 171 20.29 -14.62 -0.14
N ILE B 172 19.80 -13.89 0.85
CA ILE B 172 20.27 -14.01 2.26
C ILE B 172 19.98 -15.44 2.76
N LEU B 173 18.77 -15.91 2.59
CA LEU B 173 18.40 -17.29 3.06
C LEU B 173 19.27 -18.32 2.31
N ALA B 174 19.47 -18.16 0.99
CA ALA B 174 20.30 -19.10 0.18
C ALA B 174 21.72 -19.16 0.81
N LYS B 175 22.32 -18.02 1.06
CA LYS B 175 23.72 -17.90 1.54
C LYS B 175 23.83 -18.69 2.86
N TYR B 176 22.98 -18.42 3.83
CA TYR B 176 23.08 -18.99 5.22
C TYR B 176 22.62 -20.46 5.23
N LEU B 177 21.63 -20.84 4.42
CA LEU B 177 21.21 -22.25 4.30
C LEU B 177 22.37 -23.06 3.71
N LEU B 178 22.98 -22.56 2.64
CA LEU B 178 24.12 -23.22 1.96
CA LEU B 178 24.09 -23.28 1.98
C LEU B 178 25.26 -23.38 2.97
N GLU B 179 25.57 -22.31 3.68
CA GLU B 179 26.72 -22.33 4.62
C GLU B 179 26.46 -23.28 5.79
N THR B 180 25.26 -23.33 6.34
CA THR B 180 24.99 -24.08 7.59
C THR B 180 24.50 -25.50 7.29
N SER B 181 24.10 -25.85 6.05
CA SER B 181 23.49 -27.16 5.73
C SER B 181 24.18 -27.83 4.54
N GLY B 182 24.84 -27.09 3.64
CA GLY B 182 25.46 -27.70 2.45
C GLY B 182 24.51 -27.83 1.27
N ASN B 183 23.27 -27.34 1.36
CA ASN B 183 22.38 -27.35 0.16
C ASN B 183 21.24 -26.34 0.35
N LEU B 184 20.32 -26.31 -0.61
CA LEU B 184 19.24 -25.31 -0.70
C LEU B 184 17.88 -25.98 -0.57
N ASP B 185 17.82 -27.17 -0.01
CA ASP B 185 16.52 -27.89 0.09
C ASP B 185 15.52 -27.02 0.90
N GLY B 186 14.31 -26.80 0.39
CA GLY B 186 13.28 -26.09 1.13
C GLY B 186 13.43 -24.57 1.03
N LEU B 187 14.38 -24.05 0.24
CA LEU B 187 14.61 -22.59 0.14
C LEU B 187 13.31 -21.88 -0.27
N GLU B 188 12.55 -22.44 -1.22
CA GLU B 188 11.41 -21.77 -1.85
C GLU B 188 10.23 -21.72 -0.88
N TYR B 189 10.36 -22.27 0.33
CA TYR B 189 9.30 -22.24 1.38
C TYR B 189 9.81 -21.55 2.63
N LYS B 190 10.93 -20.86 2.58
CA LYS B 190 11.55 -20.35 3.83
C LYS B 190 11.03 -18.96 4.17
N LEU B 191 10.36 -18.27 3.24
CA LEU B 191 9.76 -16.95 3.50
C LEU B 191 8.30 -16.95 3.08
N HIS B 192 7.44 -17.03 4.09
CA HIS B 192 5.98 -17.20 3.87
C HIS B 192 5.32 -15.82 3.94
N ASP B 193 4.41 -15.54 2.99
CA ASP B 193 3.65 -14.28 2.95
C ASP B 193 2.52 -14.33 3.98
N PHE B 194 2.61 -13.46 4.98
CA PHE B 194 1.57 -13.24 6.03
C PHE B 194 0.86 -11.90 5.86
N GLY B 195 0.99 -11.23 4.71
CA GLY B 195 0.70 -9.79 4.63
C GLY B 195 -0.71 -9.44 4.19
N TYR B 196 -1.63 -10.37 4.05
CA TYR B 196 -2.96 -10.07 3.52
C TYR B 196 -3.63 -8.92 4.33
N ARG B 197 -3.65 -8.98 5.65
CA ARG B 197 -4.35 -8.00 6.50
C ARG B 197 -3.56 -6.68 6.56
N GLY B 198 -2.25 -6.73 6.28
CA GLY B 198 -1.33 -5.60 6.49
C GLY B 198 -1.10 -4.75 5.25
N VAL B 199 -1.77 -5.03 4.13
CA VAL B 199 -1.69 -4.15 2.95
C VAL B 199 -2.90 -3.24 2.90
N SER B 200 -2.91 -2.35 1.94
CA SER B 200 -3.81 -1.18 1.93
C SER B 200 -5.10 -1.51 1.19
N SER B 201 -5.20 -2.64 0.48
CA SER B 201 -6.44 -2.96 -0.26
C SER B 201 -6.45 -4.41 -0.74
N GLN B 202 -7.64 -4.88 -1.17
CA GLN B 202 -7.75 -6.22 -1.80
C GLN B 202 -6.88 -6.23 -3.08
N GLU B 203 -6.91 -5.16 -3.89
CA GLU B 203 -6.19 -5.23 -5.17
C GLU B 203 -4.70 -5.32 -4.85
N THR B 204 -4.25 -4.52 -3.90
CA THR B 204 -2.81 -4.53 -3.51
C THR B 204 -2.39 -5.92 -3.00
N ALA B 205 -3.25 -6.58 -2.25
CA ALA B 205 -2.96 -7.93 -1.71
C ALA B 205 -2.61 -8.87 -2.88
N GLY B 206 -3.47 -8.94 -3.91
CA GLY B 206 -3.23 -9.83 -5.06
C GLY B 206 -1.94 -9.50 -5.78
N ILE B 207 -1.72 -8.22 -6.10
CA ILE B 207 -0.50 -7.79 -6.82
C ILE B 207 0.76 -8.18 -6.00
N GLY B 208 0.80 -7.78 -4.74
CA GLY B 208 2.02 -7.99 -3.93
C GLY B 208 2.27 -9.47 -3.69
N ALA B 209 1.24 -10.21 -3.33
CA ALA B 209 1.36 -11.68 -3.15
C ALA B 209 1.92 -12.30 -4.41
N SER B 210 1.47 -11.88 -5.58
CA SER B 210 1.88 -12.47 -6.86
C SER B 210 3.37 -12.20 -7.03
N ALA B 211 3.84 -11.02 -6.63
CA ALA B 211 5.24 -10.59 -6.79
C ALA B 211 6.15 -11.43 -5.89
N HIS B 212 5.72 -11.66 -4.65
CA HIS B 212 6.47 -12.57 -3.74
C HIS B 212 6.60 -13.97 -4.37
N LEU B 213 5.54 -14.48 -5.00
CA LEU B 213 5.51 -15.84 -5.58
C LEU B 213 6.43 -15.96 -6.78
N VAL B 214 6.97 -14.86 -7.29
CA VAL B 214 8.07 -14.92 -8.29
C VAL B 214 9.25 -15.68 -7.69
N ASN B 215 9.50 -15.53 -6.40
CA ASN B 215 10.70 -16.06 -5.71
C ASN B 215 10.42 -17.26 -4.79
N PHE B 216 9.25 -17.32 -4.18
CA PHE B 216 8.87 -18.33 -3.17
C PHE B 216 7.54 -19.01 -3.58
N LYS B 217 7.21 -20.09 -2.86
CA LYS B 217 5.99 -20.89 -3.16
C LYS B 217 4.98 -20.85 -2.01
N GLY B 218 5.33 -20.22 -0.89
CA GLY B 218 4.53 -20.24 0.36
C GLY B 218 3.77 -18.95 0.57
N THR B 219 2.45 -19.01 0.65
CA THR B 219 1.64 -17.80 0.86
C THR B 219 0.35 -18.09 1.60
N ASP B 220 -0.09 -17.15 2.45
CA ASP B 220 -1.44 -17.11 3.05
C ASP B 220 -2.29 -16.04 2.34
N THR B 221 -1.69 -15.33 1.39
CA THR B 221 -2.37 -14.20 0.74
C THR B 221 -3.08 -14.80 -0.46
N VAL B 222 -4.26 -15.36 -0.23
CA VAL B 222 -5.02 -16.17 -1.23
C VAL B 222 -5.25 -15.36 -2.52
N ALA B 223 -5.42 -14.04 -2.42
CA ALA B 223 -5.70 -13.13 -3.57
C ALA B 223 -4.64 -13.28 -4.67
N GLY B 224 -3.39 -13.61 -4.33
CA GLY B 224 -2.34 -13.76 -5.36
C GLY B 224 -2.60 -14.89 -6.34
N LEU B 225 -3.25 -15.97 -5.89
CA LEU B 225 -3.44 -17.17 -6.76
C LEU B 225 -4.30 -16.83 -8.00
N ALA B 226 -5.44 -16.15 -7.85
CA ALA B 226 -6.34 -15.87 -8.99
C ALA B 226 -5.71 -14.85 -9.93
N LEU B 227 -4.95 -13.90 -9.40
CA LEU B 227 -4.30 -12.87 -10.25
C LEU B 227 -3.36 -13.64 -11.21
N ILE B 228 -2.50 -14.48 -10.66
CA ILE B 228 -1.48 -15.21 -11.47
C ILE B 228 -2.22 -16.07 -12.52
N LYS B 229 -3.25 -16.80 -12.12
CA LYS B 229 -3.98 -17.72 -13.03
C LYS B 229 -4.60 -16.87 -14.17
N LYS B 230 -5.19 -15.72 -13.87
CA LYS B 230 -5.87 -14.89 -14.89
C LYS B 230 -4.86 -14.17 -15.81
N TYR B 231 -3.76 -13.62 -15.29
CA TYR B 231 -2.91 -12.65 -16.03
C TYR B 231 -1.61 -13.26 -16.51
N TYR B 232 -1.14 -14.35 -15.93
CA TYR B 232 0.22 -14.92 -16.24
C TYR B 232 0.11 -16.40 -16.62
N GLY B 233 -0.41 -17.23 -15.71
CA GLY B 233 -0.60 -18.66 -15.97
C GLY B 233 0.58 -19.48 -15.49
N THR B 234 0.30 -20.66 -14.92
CA THR B 234 1.32 -21.66 -14.54
C THR B 234 0.85 -23.03 -15.07
N LYS B 235 1.83 -23.90 -15.32
CA LYS B 235 1.66 -25.34 -15.62
C LYS B 235 1.02 -26.02 -14.41
N ASP B 236 1.42 -25.65 -13.19
CA ASP B 236 0.83 -26.20 -11.93
C ASP B 236 -0.60 -25.71 -11.73
N PRO B 237 -1.46 -26.47 -11.03
CA PRO B 237 -2.82 -26.00 -10.70
C PRO B 237 -2.80 -24.67 -9.94
N VAL B 238 -1.88 -24.56 -8.95
CA VAL B 238 -1.71 -23.28 -8.19
C VAL B 238 -0.23 -22.90 -8.08
N PRO B 239 0.03 -21.57 -8.02
CA PRO B 239 1.38 -21.07 -7.92
C PRO B 239 1.91 -20.98 -6.47
N GLY B 240 1.07 -21.22 -5.47
CA GLY B 240 1.55 -21.17 -4.08
C GLY B 240 0.70 -21.94 -3.14
N TYR B 241 1.31 -22.30 -2.01
CA TYR B 241 0.77 -23.36 -1.13
C TYR B 241 0.80 -22.89 0.32
N SER B 242 0.02 -23.58 1.17
CA SER B 242 0.01 -23.33 2.62
C SER B 242 -0.30 -24.60 3.37
N VAL B 243 -0.26 -24.49 4.70
CA VAL B 243 -0.58 -25.60 5.63
C VAL B 243 -1.46 -25.04 6.75
N PRO B 244 -2.17 -25.93 7.46
CA PRO B 244 -2.96 -25.49 8.61
C PRO B 244 -2.07 -24.79 9.65
N ALA B 245 -2.64 -23.77 10.31
CA ALA B 245 -1.92 -23.00 11.33
C ALA B 245 -2.96 -22.43 12.29
N ALA B 246 -2.58 -22.31 13.55
CA ALA B 246 -3.40 -21.67 14.60
C ALA B 246 -3.22 -20.15 14.55
N GLU B 247 -4.17 -19.44 15.17
CA GLU B 247 -4.04 -18.02 15.51
C GLU B 247 -4.31 -17.89 17.00
N HIS B 248 -4.11 -16.71 17.54
CA HIS B 248 -4.38 -16.45 18.96
C HIS B 248 -5.83 -16.78 19.30
N SER B 249 -6.81 -16.50 18.43
CA SER B 249 -8.23 -16.77 18.80
C SER B 249 -8.44 -18.28 19.01
N THR B 250 -7.80 -19.15 18.24
CA THR B 250 -8.03 -20.62 18.33
C THR B 250 -7.29 -21.27 19.53
N ILE B 251 -6.29 -20.63 20.10
CA ILE B 251 -5.67 -21.07 21.39
C ILE B 251 -6.40 -20.40 22.57
N THR B 252 -6.55 -19.08 22.57
CA THR B 252 -7.07 -18.34 23.73
C THR B 252 -8.55 -18.67 23.99
N ALA B 253 -9.34 -19.02 22.96
CA ALA B 253 -10.77 -19.40 23.09
C ALA B 253 -10.96 -20.56 24.09
N TRP B 254 -9.92 -21.36 24.36
CA TRP B 254 -10.02 -22.55 25.26
C TRP B 254 -9.98 -22.09 26.71
N GLY B 255 -9.57 -20.85 26.98
CA GLY B 255 -9.39 -20.36 28.34
C GLY B 255 -7.91 -20.40 28.71
N LYS B 256 -7.48 -19.45 29.54
CA LYS B 256 -6.05 -19.30 29.96
C LYS B 256 -5.52 -20.56 30.65
N ASP B 257 -6.33 -21.35 31.35
CA ASP B 257 -5.83 -22.59 32.01
C ASP B 257 -5.85 -23.79 31.05
N HIS B 258 -6.23 -23.62 29.77
CA HIS B 258 -6.43 -24.78 28.85
C HIS B 258 -5.57 -24.68 27.60
N GLU B 259 -4.46 -23.95 27.66
CA GLU B 259 -3.55 -23.83 26.48
C GLU B 259 -3.11 -25.23 26.00
N LYS B 260 -2.77 -26.10 26.93
CA LYS B 260 -2.36 -27.50 26.63
C LYS B 260 -3.48 -28.23 25.89
N ASP B 261 -4.74 -28.03 26.31
CA ASP B 261 -5.90 -28.68 25.68
C ASP B 261 -5.99 -28.22 24.21
N ALA B 262 -5.79 -26.95 23.96
CA ALA B 262 -5.88 -26.32 22.62
C ALA B 262 -4.80 -26.94 21.73
N PHE B 263 -3.56 -26.96 22.23
CA PHE B 263 -2.41 -27.54 21.50
C PHE B 263 -2.73 -29.01 21.17
N GLU B 264 -3.15 -29.82 22.16
CA GLU B 264 -3.39 -31.27 21.93
C GLU B 264 -4.47 -31.44 20.83
N HIS B 265 -5.57 -30.71 20.91
CA HIS B 265 -6.66 -30.78 19.93
C HIS B 265 -6.17 -30.44 18.53
N ILE B 266 -5.46 -29.32 18.39
CA ILE B 266 -4.99 -28.86 17.06
C ILE B 266 -4.02 -29.87 16.43
N VAL B 267 -3.01 -30.32 17.16
CA VAL B 267 -2.01 -31.26 16.55
C VAL B 267 -2.65 -32.65 16.30
N THR B 268 -3.68 -33.02 17.04
CA THR B 268 -4.41 -34.28 16.81
C THR B 268 -5.32 -34.12 15.56
N GLN B 269 -5.98 -32.99 15.39
CA GLN B 269 -6.84 -32.73 14.20
C GLN B 269 -5.95 -32.76 12.95
N PHE B 270 -4.74 -32.20 13.01
CA PHE B 270 -3.82 -32.06 11.86
C PHE B 270 -2.62 -32.95 12.11
N SER B 271 -2.85 -34.26 12.23
CA SER B 271 -1.82 -35.22 12.74
C SER B 271 -0.98 -35.70 11.56
N SER B 272 -1.45 -35.53 10.31
CA SER B 272 -0.73 -36.13 9.14
C SER B 272 -0.39 -35.07 8.10
N VAL B 273 -0.45 -33.78 8.45
CA VAL B 273 0.08 -32.69 7.59
C VAL B 273 0.93 -31.80 8.49
N PRO B 274 1.76 -30.90 7.93
CA PRO B 274 2.48 -29.92 8.76
C PRO B 274 1.45 -29.02 9.46
N VAL B 275 1.73 -28.64 10.71
CA VAL B 275 0.81 -27.71 11.42
C VAL B 275 1.65 -26.71 12.21
N SER B 276 1.36 -25.45 12.01
CA SER B 276 1.97 -24.29 12.70
C SER B 276 1.12 -23.91 13.90
N VAL B 277 1.73 -23.83 15.08
CA VAL B 277 0.97 -23.54 16.30
C VAL B 277 1.61 -22.36 17.04
N VAL B 278 0.90 -21.24 16.99
CA VAL B 278 1.35 -20.02 17.72
C VAL B 278 1.40 -20.35 19.23
N SER B 279 2.57 -20.14 19.84
CA SER B 279 2.87 -20.70 21.18
C SER B 279 3.13 -19.59 22.22
N ASP B 280 2.87 -18.32 21.92
CA ASP B 280 3.24 -17.20 22.83
C ASP B 280 2.00 -16.50 23.43
N SER B 281 0.80 -17.10 23.40
CA SER B 281 -0.42 -16.47 23.95
C SER B 281 -0.17 -15.98 25.37
N TYR B 282 0.58 -16.73 26.18
CA TYR B 282 0.78 -16.42 27.63
C TYR B 282 2.28 -16.43 27.93
N ASP B 283 2.98 -17.47 27.53
CA ASP B 283 4.41 -17.63 27.90
C ASP B 283 5.05 -18.61 26.93
N ILE B 284 5.65 -18.06 25.90
CA ILE B 284 6.33 -18.83 24.81
C ILE B 284 7.34 -19.80 25.39
N TYR B 285 8.09 -19.42 26.42
CA TYR B 285 9.19 -20.27 26.95
C TYR B 285 8.58 -21.46 27.75
N ASN B 286 7.57 -21.20 28.58
CA ASN B 286 6.77 -22.27 29.23
C ASN B 286 6.15 -23.20 28.19
N ALA B 287 5.54 -22.66 27.14
CA ALA B 287 4.84 -23.49 26.14
C ALA B 287 5.87 -24.44 25.50
N CYS B 288 7.04 -23.95 25.17
CA CYS B 288 8.10 -24.75 24.54
C CYS B 288 8.64 -25.80 25.52
N GLU B 289 9.00 -25.40 26.73
CA GLU B 289 9.73 -26.27 27.66
C GLU B 289 8.77 -27.28 28.30
N LYS B 290 7.61 -26.83 28.78
CA LYS B 290 6.72 -27.63 29.66
C LYS B 290 5.60 -28.24 28.83
N ILE B 291 4.97 -27.48 27.92
CA ILE B 291 3.76 -28.02 27.22
C ILE B 291 4.22 -28.88 26.05
N TRP B 292 4.89 -28.32 25.08
CA TRP B 292 5.45 -29.10 23.96
C TRP B 292 6.55 -30.03 24.46
N GLY B 293 7.42 -29.53 25.33
CA GLY B 293 8.64 -30.28 25.69
C GLY B 293 8.43 -31.36 26.75
N GLU B 294 7.31 -31.40 27.45
CA GLU B 294 7.05 -32.41 28.50
C GLU B 294 5.62 -32.96 28.30
N ASP B 295 4.59 -32.16 28.55
CA ASP B 295 3.17 -32.65 28.63
C ASP B 295 2.76 -33.29 27.30
N LEU B 296 3.09 -32.68 26.15
CA LEU B 296 2.57 -33.17 24.83
C LEU B 296 3.70 -33.76 23.97
N ARG B 297 4.87 -34.03 24.57
CA ARG B 297 6.08 -34.45 23.78
C ARG B 297 5.78 -35.74 23.03
N HIS B 298 4.98 -36.64 23.66
CA HIS B 298 4.61 -37.96 23.10
C HIS B 298 3.83 -37.79 21.77
N LEU B 299 3.17 -36.66 21.54
CA LEU B 299 2.37 -36.38 20.32
C LEU B 299 3.23 -35.72 19.25
N ILE B 300 4.44 -35.28 19.60
CA ILE B 300 5.33 -34.56 18.64
C ILE B 300 6.32 -35.59 18.07
N VAL B 301 6.98 -36.35 18.91
CA VAL B 301 8.05 -37.31 18.48
C VAL B 301 7.48 -38.46 17.63
N SER B 302 6.16 -38.69 17.63
CA SER B 302 5.46 -39.71 16.81
C SER B 302 5.16 -39.18 15.39
N ARG B 303 5.33 -37.88 15.11
CA ARG B 303 4.87 -37.29 13.81
C ARG B 303 5.87 -37.58 12.69
N SER B 304 5.39 -37.58 11.45
CA SER B 304 6.17 -37.88 10.23
C SER B 304 6.96 -36.63 9.84
N THR B 305 8.10 -36.85 9.18
CA THR B 305 8.96 -35.83 8.55
C THR B 305 8.16 -35.01 7.55
N GLN B 306 7.09 -35.54 6.98
CA GLN B 306 6.20 -34.82 6.04
C GLN B 306 5.15 -33.99 6.81
N ALA B 307 5.12 -34.07 8.13
CA ALA B 307 4.05 -33.46 8.96
C ALA B 307 4.64 -32.97 10.28
N PRO B 308 5.68 -32.13 10.22
CA PRO B 308 6.22 -31.57 11.45
C PRO B 308 5.22 -30.68 12.19
N LEU B 309 5.40 -30.60 13.50
CA LEU B 309 4.95 -29.45 14.29
C LEU B 309 5.86 -28.27 13.96
N ILE B 310 5.27 -27.13 13.63
CA ILE B 310 6.05 -25.89 13.47
C ILE B 310 5.64 -24.95 14.61
N ILE B 311 6.54 -24.79 15.57
CA ILE B 311 6.34 -23.91 16.75
C ILE B 311 6.47 -22.48 16.30
N ARG B 312 5.49 -21.63 16.62
CA ARG B 312 5.50 -20.22 16.16
CA ARG B 312 5.51 -20.22 16.16
C ARG B 312 5.51 -19.25 17.32
N PRO B 313 6.67 -18.69 17.65
CA PRO B 313 6.72 -17.48 18.49
C PRO B 313 6.17 -16.29 17.73
N ASP B 314 5.73 -15.25 18.43
CA ASP B 314 5.08 -14.11 17.76
C ASP B 314 5.24 -12.81 18.57
N SER B 315 6.24 -12.72 19.46
CA SER B 315 6.42 -11.52 20.32
C SER B 315 7.82 -11.56 20.94
N GLY B 316 8.22 -10.43 21.52
CA GLY B 316 9.58 -10.20 22.03
C GLY B 316 10.60 -9.85 20.96
N ASN B 317 11.84 -9.68 21.37
CA ASN B 317 12.94 -9.38 20.44
C ASN B 317 13.03 -10.57 19.51
N PRO B 318 12.87 -10.41 18.18
CA PRO B 318 12.84 -11.57 17.27
C PRO B 318 14.09 -12.48 17.36
N LEU B 319 15.29 -11.92 17.35
CA LEU B 319 16.49 -12.76 17.45
C LEU B 319 16.57 -13.42 18.84
N ASP B 320 16.45 -12.67 19.93
CA ASP B 320 16.62 -13.26 21.29
C ASP B 320 15.59 -14.38 21.45
N THR B 321 14.37 -14.17 20.96
CA THR B 321 13.27 -15.14 21.15
C THR B 321 13.57 -16.43 20.36
N VAL B 322 13.95 -16.30 19.09
CA VAL B 322 14.36 -17.47 18.28
C VAL B 322 15.47 -18.24 18.98
N LEU B 323 16.51 -17.58 19.46
CA LEU B 323 17.67 -18.28 20.03
C LEU B 323 17.26 -19.02 21.32
N LYS B 324 16.43 -18.40 22.14
CA LYS B 324 16.01 -19.05 23.38
C LYS B 324 15.06 -20.21 23.08
N VAL B 325 14.11 -20.05 22.13
CA VAL B 325 13.20 -21.16 21.75
C VAL B 325 14.08 -22.34 21.29
N LEU B 326 15.10 -22.07 20.46
CA LEU B 326 15.95 -23.18 19.94
C LEU B 326 16.71 -23.82 21.10
N GLU B 327 17.23 -23.02 22.05
CA GLU B 327 17.97 -23.61 23.23
C GLU B 327 17.01 -24.51 24.01
N ILE B 328 15.79 -24.05 24.25
CA ILE B 328 14.80 -24.85 25.01
C ILE B 328 14.57 -26.19 24.28
N LEU B 329 14.19 -26.14 23.00
CA LEU B 329 13.83 -27.35 22.24
C LEU B 329 15.01 -28.31 22.12
N GLY B 330 16.23 -27.78 22.00
CA GLY B 330 17.45 -28.59 21.89
C GLY B 330 17.71 -29.37 23.16
N LYS B 331 17.17 -28.93 24.29
CA LYS B 331 17.32 -29.67 25.56
C LYS B 331 16.15 -30.60 25.77
N LYS B 332 15.04 -30.48 25.08
CA LYS B 332 13.89 -31.37 25.31
C LYS B 332 13.74 -32.41 24.22
N PHE B 333 14.40 -32.22 23.08
CA PHE B 333 14.25 -33.06 21.89
C PHE B 333 15.63 -33.52 21.44
N PRO B 334 15.74 -34.65 20.72
CA PRO B 334 17.05 -35.16 20.31
C PRO B 334 17.65 -34.38 19.14
N VAL B 335 18.72 -33.65 19.41
CA VAL B 335 19.32 -32.75 18.41
C VAL B 335 20.51 -33.51 17.81
N THR B 336 20.72 -33.34 16.52
CA THR B 336 21.79 -33.94 15.74
C THR B 336 22.73 -32.81 15.32
N GLU B 337 23.88 -33.20 14.81
CA GLU B 337 24.84 -32.29 14.19
C GLU B 337 24.98 -32.71 12.73
N ASN B 338 24.65 -31.78 11.82
CA ASN B 338 24.64 -32.07 10.36
C ASN B 338 26.10 -32.10 9.87
N SER B 339 26.27 -32.29 8.56
CA SER B 339 27.59 -32.59 8.01
C SER B 339 28.47 -31.31 8.03
N LYS B 340 27.87 -30.15 8.24
CA LYS B 340 28.63 -28.85 8.32
C LYS B 340 28.96 -28.51 9.79
N GLY B 341 28.57 -29.33 10.77
CA GLY B 341 28.85 -29.07 12.20
C GLY B 341 27.78 -28.21 12.88
N TYR B 342 26.59 -28.03 12.30
CA TYR B 342 25.52 -27.18 12.85
C TYR B 342 24.43 -28.06 13.44
N LYS B 343 23.76 -27.53 14.45
CA LYS B 343 22.72 -28.24 15.22
C LYS B 343 21.45 -28.27 14.40
N LEU B 344 20.76 -29.41 14.49
CA LEU B 344 19.51 -29.67 13.76
C LEU B 344 18.51 -30.38 14.66
N LEU B 345 17.33 -29.77 14.82
CA LEU B 345 16.18 -30.41 15.49
C LEU B 345 15.80 -31.66 14.72
N PRO B 346 15.06 -32.57 15.35
CA PRO B 346 14.53 -33.72 14.61
C PRO B 346 13.58 -33.24 13.54
N PRO B 347 13.38 -34.03 12.48
CA PRO B 347 12.60 -33.62 11.32
C PRO B 347 11.10 -33.39 11.59
N TYR B 348 10.56 -33.82 12.71
CA TYR B 348 9.14 -33.63 13.10
C TYR B 348 8.96 -32.29 13.80
N LEU B 349 10.02 -31.48 13.94
CA LEU B 349 9.96 -30.23 14.75
C LEU B 349 10.70 -29.08 14.07
N ARG B 350 10.02 -27.99 13.84
CA ARG B 350 10.57 -26.79 13.17
C ARG B 350 10.03 -25.56 13.86
N VAL B 351 10.62 -24.41 13.57
CA VAL B 351 10.23 -23.10 14.15
C VAL B 351 9.93 -22.15 13.00
N ILE B 352 8.90 -21.30 13.15
CA ILE B 352 8.67 -20.21 12.22
C ILE B 352 8.63 -18.93 13.05
N GLN B 353 9.43 -17.95 12.69
CA GLN B 353 9.40 -16.56 13.28
C GLN B 353 8.58 -15.71 12.31
N GLY B 354 7.38 -15.31 12.72
CA GLY B 354 6.45 -14.53 11.87
C GLY B 354 6.14 -13.13 12.38
N ASP B 355 6.94 -12.58 13.31
CA ASP B 355 6.70 -11.26 13.91
C ASP B 355 7.94 -10.40 13.65
N GLY B 356 7.76 -9.17 13.21
CA GLY B 356 8.87 -8.20 13.13
C GLY B 356 9.84 -8.55 12.00
N VAL B 357 9.43 -9.34 11.01
CA VAL B 357 10.36 -9.83 9.99
C VAL B 357 10.30 -8.85 8.82
N ASP B 358 11.47 -8.32 8.50
CA ASP B 358 11.73 -7.58 7.25
C ASP B 358 13.16 -7.97 6.84
N ILE B 359 13.67 -7.41 5.76
CA ILE B 359 14.97 -7.85 5.19
C ILE B 359 16.07 -7.64 6.25
N ASN B 360 15.98 -6.61 7.07
CA ASN B 360 17.04 -6.36 8.06
C ASN B 360 16.96 -7.38 9.20
N THR B 361 15.79 -7.64 9.76
CA THR B 361 15.73 -8.56 10.93
C THR B 361 15.97 -10.00 10.45
N LEU B 362 15.60 -10.32 9.22
CA LEU B 362 15.84 -11.67 8.68
C LEU B 362 17.36 -11.93 8.68
N GLN B 363 18.13 -10.98 8.18
CA GLN B 363 19.61 -11.01 8.17
C GLN B 363 20.14 -11.18 9.59
N GLU B 364 19.64 -10.37 10.53
N GLU B 364 19.63 -10.38 10.54
CA GLU B 364 20.09 -10.41 11.94
CA GLU B 364 20.07 -10.39 11.96
C GLU B 364 19.83 -11.81 12.52
C GLU B 364 19.80 -11.79 12.55
N ILE B 365 18.66 -12.39 12.25
CA ILE B 365 18.29 -13.72 12.81
C ILE B 365 19.17 -14.83 12.23
N VAL B 366 19.35 -14.92 10.93
CA VAL B 366 20.09 -16.07 10.39
C VAL B 366 21.56 -15.90 10.84
N GLU B 367 22.07 -14.66 10.92
CA GLU B 367 23.48 -14.44 11.36
C GLU B 367 23.60 -14.86 12.82
N GLY B 368 22.63 -14.51 13.66
CA GLY B 368 22.67 -14.83 15.09
C GLY B 368 22.52 -16.33 15.29
N MET B 369 21.71 -16.99 14.46
CA MET B 369 21.59 -18.48 14.51
C MET B 369 22.94 -19.12 14.14
N LYS B 370 23.58 -18.63 13.08
CA LYS B 370 24.85 -19.22 12.63
C LYS B 370 25.91 -19.05 13.73
N GLN B 371 25.95 -17.91 14.42
CA GLN B 371 26.97 -17.68 15.46
C GLN B 371 26.73 -18.62 16.64
N LYS B 372 25.49 -19.02 16.88
CA LYS B 372 25.15 -20.01 17.93
C LYS B 372 25.11 -21.44 17.37
N MET B 373 25.60 -21.66 16.15
CA MET B 373 25.80 -23.01 15.57
C MET B 373 24.44 -23.73 15.36
N TRP B 374 23.40 -22.98 15.00
CA TRP B 374 22.05 -23.50 14.66
C TRP B 374 21.89 -23.50 13.15
N SER B 375 21.59 -24.65 12.56
CA SER B 375 21.33 -24.70 11.10
C SER B 375 20.13 -23.82 10.73
N ILE B 376 20.20 -23.17 9.57
CA ILE B 376 19.03 -22.47 9.00
C ILE B 376 17.98 -23.49 8.56
N GLU B 377 18.32 -24.77 8.43
CA GLU B 377 17.32 -25.84 8.25
C GLU B 377 16.19 -25.77 9.31
N ASN B 378 16.50 -25.33 10.53
CA ASN B 378 15.55 -25.33 11.67
C ASN B 378 14.43 -24.31 11.54
N ILE B 379 14.65 -23.25 10.75
CA ILE B 379 13.85 -22.01 10.85
C ILE B 379 13.18 -21.76 9.51
N ALA B 380 11.97 -21.22 9.58
CA ALA B 380 11.34 -20.50 8.46
C ALA B 380 10.86 -19.12 8.94
N PHE B 381 10.54 -18.24 8.00
CA PHE B 381 10.11 -16.87 8.30
C PHE B 381 8.73 -16.67 7.69
N GLY B 382 7.90 -15.94 8.43
CA GLY B 382 6.66 -15.32 7.94
C GLY B 382 6.87 -13.81 7.96
N SER B 383 6.41 -13.10 6.92
CA SER B 383 6.55 -11.63 6.87
C SER B 383 5.27 -11.10 6.27
N GLY B 384 4.69 -10.09 6.91
CA GLY B 384 3.44 -9.46 6.45
C GLY B 384 3.71 -8.03 5.96
N GLY B 385 3.61 -7.03 6.86
CA GLY B 385 3.84 -5.64 6.43
C GLY B 385 5.24 -5.44 5.87
N GLY B 386 6.26 -6.06 6.49
CA GLY B 386 7.63 -6.03 5.97
C GLY B 386 7.71 -6.46 4.50
N LEU B 387 6.97 -7.49 4.10
CA LEU B 387 7.07 -8.08 2.76
C LEU B 387 6.24 -7.29 1.73
N LEU B 388 5.03 -6.84 2.10
CA LEU B 388 4.06 -6.31 1.12
C LEU B 388 3.73 -4.82 1.31
N GLN B 389 3.96 -4.23 2.50
CA GLN B 389 3.46 -2.87 2.76
C GLN B 389 4.57 -1.85 3.02
N LYS B 390 5.63 -2.22 3.74
CA LYS B 390 6.66 -1.25 4.18
C LYS B 390 7.64 -1.02 3.04
N LEU B 391 7.12 -0.55 1.92
CA LEU B 391 7.89 -0.35 0.67
C LEU B 391 7.31 0.89 0.00
N THR B 392 8.18 1.70 -0.61
CA THR B 392 7.73 2.88 -1.35
C THR B 392 8.42 2.95 -2.72
N ARG B 393 7.91 3.84 -3.54
CA ARG B 393 8.39 4.07 -4.93
C ARG B 393 9.81 4.66 -4.86
N ASP B 394 10.17 5.25 -3.74
CA ASP B 394 11.52 5.83 -3.41
C ASP B 394 12.61 4.76 -3.22
N LEU B 395 12.24 3.55 -2.86
CA LEU B 395 13.26 2.55 -2.48
C LEU B 395 14.16 2.23 -3.69
N LEU B 396 13.62 2.03 -4.88
CA LEU B 396 14.42 1.77 -6.11
C LEU B 396 14.40 2.98 -7.04
N ASN B 397 13.87 4.12 -6.58
CA ASN B 397 13.74 5.36 -7.37
C ASN B 397 13.05 5.05 -8.71
N CYS B 398 11.89 4.42 -8.64
CA CYS B 398 11.08 4.08 -9.82
C CYS B 398 10.50 5.37 -10.40
N SER B 399 10.71 5.61 -11.68
CA SER B 399 10.49 6.95 -12.23
C SER B 399 10.23 6.87 -13.75
N PHE B 400 9.30 7.69 -14.19
CA PHE B 400 8.86 7.81 -15.60
C PHE B 400 9.17 9.23 -16.03
N LYS B 401 9.85 9.37 -17.19
CA LYS B 401 10.25 10.70 -17.71
C LYS B 401 10.17 10.73 -19.25
N CYS B 402 9.83 11.90 -19.77
CA CYS B 402 9.93 12.21 -21.21
C CYS B 402 11.42 12.37 -21.59
N SER B 403 11.89 11.64 -22.59
CA SER B 403 13.27 11.73 -23.11
C SER B 403 13.33 12.21 -24.57
N TYR B 404 12.23 12.27 -25.31
CA TYR B 404 12.29 12.61 -26.74
C TYR B 404 10.94 13.19 -27.18
N VAL B 405 10.98 14.27 -27.97
CA VAL B 405 9.73 14.82 -28.60
C VAL B 405 10.03 15.11 -30.05
N VAL B 406 8.99 15.18 -30.83
CA VAL B 406 9.05 15.72 -32.21
C VAL B 406 8.12 16.92 -32.23
N THR B 407 8.65 18.09 -32.59
CA THR B 407 7.92 19.36 -32.68
C THR B 407 8.28 20.02 -34.04
N ASN B 408 7.28 20.48 -34.78
CA ASN B 408 7.48 20.96 -36.17
C ASN B 408 8.33 19.98 -37.00
N GLY B 409 8.09 18.67 -36.87
CA GLY B 409 8.80 17.63 -37.62
C GLY B 409 10.24 17.39 -37.19
N LEU B 410 10.78 18.04 -36.14
CA LEU B 410 12.19 17.79 -35.70
C LEU B 410 12.23 17.14 -34.31
N GLY B 411 12.94 16.04 -34.23
CA GLY B 411 13.15 15.28 -32.98
C GLY B 411 14.11 16.02 -32.11
N ILE B 412 13.86 16.13 -30.80
CA ILE B 412 14.84 16.71 -29.85
C ILE B 412 14.95 15.83 -28.60
N ASN B 413 16.16 15.75 -28.10
CA ASN B 413 16.54 15.00 -26.88
C ASN B 413 16.19 15.92 -25.71
N VAL B 414 15.31 15.42 -24.84
CA VAL B 414 14.68 16.15 -23.72
C VAL B 414 15.11 15.44 -22.42
N PHE B 415 15.24 16.17 -21.33
CA PHE B 415 15.73 15.63 -20.03
C PHE B 415 15.60 16.74 -18.99
N LYS B 416 15.60 16.31 -17.73
CA LYS B 416 15.74 17.16 -16.54
C LYS B 416 17.14 16.93 -15.99
N ASP B 417 17.68 17.93 -15.30
CA ASP B 417 19.03 17.83 -14.66
C ASP B 417 19.08 18.84 -13.53
N PRO B 418 18.38 18.60 -12.41
CA PRO B 418 18.24 19.59 -11.33
C PRO B 418 19.63 19.83 -10.71
N VAL B 419 19.94 21.11 -10.52
CA VAL B 419 21.27 21.60 -10.08
C VAL B 419 21.59 20.99 -8.71
N ALA B 420 20.61 20.85 -7.83
CA ALA B 420 20.87 20.44 -6.42
C ALA B 420 20.74 18.94 -6.31
N ASP B 421 20.38 18.17 -7.36
CA ASP B 421 20.26 16.70 -7.22
C ASP B 421 20.63 15.98 -8.51
N PRO B 422 21.93 15.74 -8.75
CA PRO B 422 22.40 15.00 -9.93
C PRO B 422 21.80 13.59 -10.06
N ASN B 423 21.39 12.99 -8.95
CA ASN B 423 20.76 11.67 -8.98
C ASN B 423 19.42 11.77 -9.73
N LYS B 424 18.83 12.95 -9.89
CA LYS B 424 17.51 13.06 -10.59
C LYS B 424 17.66 13.38 -12.06
N ARG B 425 18.90 13.50 -12.55
CA ARG B 425 19.11 13.67 -14.00
C ARG B 425 18.44 12.54 -14.76
N SER B 426 17.75 12.84 -15.86
CA SER B 426 17.03 11.82 -16.63
C SER B 426 17.78 11.62 -17.97
N LYS B 427 17.48 10.52 -18.65
CA LYS B 427 18.22 10.11 -19.88
C LYS B 427 17.70 10.91 -21.06
N LYS B 428 18.49 10.97 -22.13
CA LYS B 428 18.22 11.84 -23.28
C LYS B 428 17.91 11.02 -24.52
N GLY B 429 16.80 11.36 -25.19
CA GLY B 429 16.54 10.85 -26.55
C GLY B 429 15.97 9.45 -26.55
N ARG B 430 15.99 8.83 -27.74
CA ARG B 430 15.44 7.48 -27.97
C ARG B 430 16.39 6.49 -27.32
N LEU B 431 15.80 5.56 -26.57
CA LEU B 431 16.59 4.65 -25.70
C LEU B 431 16.50 3.23 -26.23
N SER B 432 17.55 2.45 -25.93
CA SER B 432 17.56 1.00 -26.20
C SER B 432 18.43 0.30 -25.14
N LEU B 433 18.15 -0.97 -24.91
CA LEU B 433 18.84 -1.80 -23.89
C LEU B 433 19.65 -2.86 -24.65
N HIS B 434 20.93 -3.01 -24.30
CA HIS B 434 21.88 -3.90 -25.04
C HIS B 434 22.71 -4.71 -24.06
N ARG B 435 23.27 -5.80 -24.57
CA ARG B 435 24.32 -6.57 -23.87
C ARG B 435 25.63 -5.92 -24.20
N THR B 436 26.52 -5.82 -23.21
CA THR B 436 27.91 -5.34 -23.44
C THR B 436 28.74 -6.52 -23.90
N PRO B 437 29.97 -6.33 -24.38
CA PRO B 437 30.82 -7.43 -24.77
C PRO B 437 31.10 -8.34 -23.59
N ALA B 438 31.07 -7.84 -22.36
CA ALA B 438 31.29 -8.70 -21.18
C ALA B 438 29.98 -9.32 -20.73
N GLY B 439 28.84 -9.05 -21.40
CA GLY B 439 27.59 -9.75 -21.02
C GLY B 439 26.74 -8.96 -20.04
N ASN B 440 27.03 -7.67 -19.81
CA ASN B 440 26.27 -6.88 -18.82
C ASN B 440 25.21 -6.15 -19.63
N PHE B 441 24.43 -5.34 -18.95
CA PHE B 441 23.41 -4.46 -19.61
C PHE B 441 23.94 -3.05 -19.76
N VAL B 442 23.60 -2.41 -20.89
CA VAL B 442 23.82 -0.96 -21.08
C VAL B 442 22.60 -0.36 -21.75
N THR B 443 22.21 0.83 -21.31
CA THR B 443 21.16 1.63 -21.92
C THR B 443 21.82 2.68 -22.80
N LEU B 444 21.58 2.59 -24.12
CA LEU B 444 22.13 3.59 -25.06
C LEU B 444 21.13 4.71 -25.20
N GLU B 445 21.64 5.94 -25.22
CA GLU B 445 20.76 7.13 -25.31
C GLU B 445 20.92 7.76 -26.71
N GLU B 446 20.11 8.78 -26.99
CA GLU B 446 20.23 9.66 -28.18
C GLU B 446 20.10 8.84 -29.45
N GLY B 447 19.39 7.70 -29.40
CA GLY B 447 19.15 6.89 -30.61
C GLY B 447 20.39 6.13 -31.03
N LYS B 448 21.42 6.05 -30.20
CA LYS B 448 22.72 5.45 -30.58
C LYS B 448 22.61 3.94 -30.79
N GLY B 449 21.59 3.27 -30.23
CA GLY B 449 21.24 1.87 -30.58
C GLY B 449 21.18 1.63 -32.08
N ASP B 450 20.75 2.63 -32.86
CA ASP B 450 20.56 2.52 -34.33
C ASP B 450 21.92 2.37 -35.02
N LEU B 451 23.03 2.84 -34.41
CA LEU B 451 24.39 2.39 -34.83
C LEU B 451 24.36 0.94 -34.35
N GLU B 452 24.77 -0.04 -35.09
CA GLU B 452 24.55 -1.41 -34.56
C GLU B 452 25.87 -1.84 -33.90
N GLU B 453 26.39 -1.03 -32.97
CA GLU B 453 27.73 -1.23 -32.36
C GLU B 453 27.58 -2.16 -31.17
N TYR B 454 26.34 -2.37 -30.70
CA TYR B 454 26.05 -3.23 -29.55
C TYR B 454 24.91 -4.20 -29.86
N GLY B 455 24.65 -4.50 -31.13
CA GLY B 455 23.68 -5.57 -31.45
C GLY B 455 22.25 -5.13 -31.18
N GLN B 456 21.31 -6.07 -31.09
CA GLN B 456 19.87 -5.71 -31.13
C GLN B 456 19.37 -5.20 -29.77
N ASP B 457 18.37 -4.35 -29.83
CA ASP B 457 17.61 -3.86 -28.66
C ASP B 457 16.98 -5.08 -27.95
N LEU B 458 17.17 -5.18 -26.64
CA LEU B 458 16.62 -6.25 -25.79
C LEU B 458 15.18 -5.94 -25.36
N LEU B 459 14.67 -4.71 -25.53
CA LEU B 459 13.25 -4.39 -25.26
C LEU B 459 12.40 -5.01 -26.36
N HIS B 460 11.19 -5.40 -26.03
CA HIS B 460 10.25 -5.97 -27.02
C HIS B 460 8.98 -5.13 -26.99
N THR B 461 8.30 -5.01 -28.11
CA THR B 461 6.95 -4.40 -28.14
C THR B 461 6.01 -5.31 -27.40
N VAL B 462 5.39 -4.83 -26.33
CA VAL B 462 4.42 -5.63 -25.52
C VAL B 462 3.00 -5.07 -25.68
N PHE B 463 2.86 -3.86 -26.18
CA PHE B 463 1.52 -3.25 -26.38
C PHE B 463 1.61 -2.37 -27.60
N LYS B 464 0.60 -2.44 -28.48
CA LYS B 464 0.56 -1.53 -29.64
C LYS B 464 -0.89 -1.38 -30.07
N ASN B 465 -1.38 -0.15 -30.08
CA ASN B 465 -2.68 0.23 -30.67
C ASN B 465 -3.79 -0.61 -30.00
N GLY B 466 -3.77 -0.71 -28.65
CA GLY B 466 -4.85 -1.39 -27.90
C GLY B 466 -4.71 -2.91 -27.78
N LYS B 467 -3.62 -3.51 -28.28
CA LYS B 467 -3.45 -4.96 -28.24
C LYS B 467 -2.20 -5.28 -27.42
N VAL B 468 -2.25 -6.34 -26.67
CA VAL B 468 -1.05 -6.94 -26.02
C VAL B 468 -0.35 -7.79 -27.09
N THR B 469 0.91 -7.48 -27.40
CA THR B 469 1.62 -8.09 -28.54
C THR B 469 2.66 -9.08 -28.11
N LYS B 470 2.98 -9.15 -26.82
CA LYS B 470 3.96 -10.12 -26.29
CA LYS B 470 3.93 -10.17 -26.30
C LYS B 470 3.66 -10.34 -24.80
N SER B 471 3.65 -11.60 -24.36
CA SER B 471 3.36 -11.94 -22.96
C SER B 471 4.20 -13.11 -22.44
N TYR B 472 4.23 -13.26 -21.13
CA TYR B 472 5.08 -14.22 -20.41
C TYR B 472 4.21 -15.02 -19.46
N SER B 473 4.39 -16.32 -19.36
CA SER B 473 3.77 -17.13 -18.31
C SER B 473 4.50 -16.85 -16.99
N PHE B 474 3.86 -17.22 -15.92
CA PHE B 474 4.46 -17.08 -14.57
C PHE B 474 5.65 -18.02 -14.49
N ASP B 475 5.62 -19.15 -15.20
CA ASP B 475 6.74 -20.11 -15.19
C ASP B 475 7.96 -19.48 -15.86
N GLU B 476 7.81 -18.77 -16.98
CA GLU B 476 8.96 -18.07 -17.65
C GLU B 476 9.53 -17.01 -16.70
N ILE B 477 8.64 -16.26 -16.07
CA ILE B 477 9.02 -15.15 -15.17
C ILE B 477 9.85 -15.72 -13.99
N ARG B 478 9.39 -16.81 -13.37
CA ARG B 478 10.16 -17.43 -12.26
C ARG B 478 11.53 -17.86 -12.78
N LYS B 479 11.60 -18.42 -13.97
CA LYS B 479 12.92 -18.90 -14.50
C LYS B 479 13.85 -17.69 -14.75
N ASN B 480 13.31 -16.57 -15.22
CA ASN B 480 14.12 -15.35 -15.48
C ASN B 480 14.64 -14.78 -14.15
N ALA B 481 13.86 -14.92 -13.10
CA ALA B 481 14.14 -14.28 -11.78
C ALA B 481 15.01 -15.18 -10.88
N GLN B 482 15.45 -16.34 -11.36
CA GLN B 482 16.27 -17.28 -10.56
C GLN B 482 17.53 -16.63 -10.02
N LEU B 483 17.97 -17.12 -8.86
CA LEU B 483 19.26 -16.71 -8.25
C LEU B 483 20.44 -17.30 -9.04
N ASN B 484 21.58 -16.62 -9.11
CA ASN B 484 22.85 -17.25 -9.63
C ASN B 484 23.32 -18.33 -8.66
P PO4 C . -1.00 -7.82 15.78
O1 PO4 C . -0.52 -6.53 16.35
O2 PO4 C . -2.44 -7.64 15.29
O3 PO4 C . -1.00 -8.93 16.87
O4 PO4 C . -0.16 -8.21 14.60
CAJ 7YK D . -6.89 24.39 -4.61
CAK 7YK D . -8.40 24.51 -4.73
OAL 7YK D . -8.58 25.44 -5.83
CAM 7YK D . -8.07 26.82 -5.61
CAN 7YK D . -6.59 26.83 -5.18
CAI 7YK D . -6.28 25.70 -4.15
NAC 7YK D . -4.81 25.63 -3.95
NAB 7YK D . -4.10 24.81 -4.76
CAD 7YK D . -4.20 26.42 -3.05
OAE 7YK D . -4.91 27.17 -2.37
CAF 7YK D . -2.81 26.49 -2.91
CAG 7YK D . -2.04 25.41 -3.68
CAH 7YK D . -1.77 24.33 -2.61
CAA 7YK D . -2.76 24.71 -4.71
CAO 7YK D . -2.15 23.75 -5.56
CBF 7YK D . -0.79 23.73 -5.84
CBE 7YK D . -0.22 22.79 -6.69
CAP 7YK D . -2.93 22.80 -6.18
CAQ 7YK D . -2.37 21.84 -7.02
CAR 7YK D . -1.01 21.86 -7.35
NAS 7YK D . -0.56 20.84 -8.09
CAT 7YK D . 0.76 20.54 -8.29
OBD 7YK D . 1.71 21.30 -8.07
NAU 7YK D . 0.97 19.34 -8.85
CAY 7YK D . 0.01 18.24 -9.09
CAX 7YK D . 0.83 17.02 -8.98
CAZ 7YK D . 0.48 15.73 -8.86
CBA 7YK D . 1.40 14.66 -8.81
NBB 7YK D . 2.79 14.95 -8.81
CBC 7YK D . 3.10 16.33 -8.93
CAW 7YK D . 2.17 17.32 -9.04
CAV 7YK D . 2.25 18.71 -9.15
P PO4 E . 6.72 15.57 -12.00
O1 PO4 E . 5.68 16.63 -11.86
O2 PO4 E . 7.71 15.72 -10.75
O3 PO4 E . 7.56 15.54 -13.39
O4 PO4 E . 5.97 14.24 -11.90
P PO4 F . 6.63 11.84 -3.46
O1 PO4 F . 5.99 12.78 -2.45
O2 PO4 F . 8.16 11.86 -3.26
O3 PO4 F . 6.30 12.30 -4.89
O4 PO4 F . 6.10 10.42 -3.26
C1 GOL G . -17.86 13.87 18.31
O1 GOL G . -18.48 14.12 19.55
C2 GOL G . -16.38 13.70 18.46
O2 GOL G . -16.08 13.15 19.75
C3 GOL G . -15.80 12.82 17.38
O3 GOL G . -14.48 13.18 17.02
P PO4 H . 10.42 11.14 -9.30
O1 PO4 H . 10.67 12.26 -10.33
O2 PO4 H . 11.59 11.01 -8.38
O3 PO4 H . 9.19 11.47 -8.51
O4 PO4 H . 10.21 9.84 -10.05
CAJ 7YK I . 4.55 -25.13 2.85
CAK 7YK I . 4.09 -25.92 1.62
OAL 7YK I . 3.61 -27.19 2.13
CAM 7YK I . 4.55 -28.05 2.83
CAN 7YK I . 5.19 -27.30 4.04
CAI 7YK I . 5.68 -25.90 3.60
NAC 7YK I . 6.18 -25.17 4.77
NAB 7YK I . 5.29 -24.42 5.46
CAD 7YK I . 7.48 -25.25 5.17
OAE 7YK I . 8.24 -25.94 4.51
CAF 7YK I . 7.96 -24.60 6.33
CAG 7YK I . 6.95 -23.66 7.03
CAH 7YK I . 7.38 -22.22 6.76
CAA 7YK I . 5.61 -23.73 6.59
CAO 7YK I . 4.60 -22.92 7.16
CBF 7YK I . 4.67 -22.47 8.47
CBE 7YK I . 3.65 -21.64 8.98
CAP 7YK I . 3.53 -22.51 6.39
CAQ 7YK I . 2.51 -21.70 6.91
CAR 7YK I . 2.54 -21.26 8.22
NAS 7YK I . 1.57 -20.41 8.59
CAT 7YK I . 1.54 -19.66 9.76
OBD 7YK I . 2.28 -19.84 10.75
NAU 7YK I . 0.59 -18.73 9.82
CAY 7YK I . -0.34 -18.23 8.70
CAX 7YK I . -0.48 -16.82 9.01
CAZ 7YK I . -0.97 -15.82 8.24
CBA 7YK I . -1.09 -14.50 8.70
NBB 7YK I . -0.64 -14.21 10.02
CBC 7YK I . -0.14 -15.29 10.76
CAW 7YK I . -0.05 -16.56 10.28
CAV 7YK I . 0.36 -17.78 10.88
P PO4 J . -2.43 -13.92 14.88
O1 PO4 J . -3.04 -13.02 13.81
O2 PO4 J . -1.08 -13.30 15.37
O3 PO4 J . -3.50 -14.01 16.13
O4 PO4 J . -2.08 -15.24 14.22
P PO4 K . 4.31 -8.09 10.51
O1 PO4 K . 5.11 -6.83 10.15
O2 PO4 K . 2.89 -7.95 9.93
O3 PO4 K . 4.28 -8.25 12.04
O4 PO4 K . 4.98 -9.33 9.89
C1 GOL L . 16.99 -12.79 -16.80
O1 GOL L . 17.16 -12.15 -15.54
C2 GOL L . 18.32 -13.14 -17.41
O2 GOL L . 18.12 -14.05 -18.48
C3 GOL L . 19.06 -11.91 -17.91
O3 GOL L . 20.46 -12.01 -17.66
#